data_2EQ3
#
_entry.id   2EQ3
#
loop_
_entity.id
_entity.type
_entity.pdbx_description
1 polymer 'Zinc finger protein 347'
2 non-polymer 'ZINC ION'
#
_entity_poly.entity_id   1
_entity_poly.type   'polypeptide(L)'
_entity_poly.pdbx_seq_one_letter_code
;GSSGSSGTGEKPYECNQCGKAFSVRSSLTTHQAIHTGKKPSGPSSG
;
_entity_poly.pdbx_strand_id   A
#
# COMPACT_ATOMS: atom_id res chain seq x y z
N GLY A 1 -15.76 11.01 2.92
CA GLY A 1 -15.86 10.26 4.16
C GLY A 1 -15.10 10.91 5.29
N SER A 2 -14.57 10.09 6.19
CA SER A 2 -13.81 10.59 7.33
C SER A 2 -12.32 10.45 7.09
N SER A 3 -11.63 11.59 7.02
CA SER A 3 -10.18 11.59 6.78
C SER A 3 -9.46 12.30 7.92
N GLY A 4 -8.62 11.55 8.64
CA GLY A 4 -7.88 12.13 9.75
C GLY A 4 -7.20 11.08 10.60
N SER A 5 -5.99 11.36 11.04
CA SER A 5 -5.23 10.43 11.87
C SER A 5 -5.32 10.82 13.34
N SER A 6 -6.53 10.82 13.88
CA SER A 6 -6.76 11.18 15.27
C SER A 6 -7.52 10.08 16.01
N GLY A 7 -6.89 8.91 16.12
CA GLY A 7 -7.51 7.80 16.79
C GLY A 7 -7.30 6.48 16.06
N THR A 8 -8.26 6.11 15.22
CA THR A 8 -8.18 4.88 14.46
C THR A 8 -7.31 5.05 13.22
N GLY A 9 -6.26 4.23 13.12
CA GLY A 9 -5.37 4.32 11.98
C GLY A 9 -4.11 3.50 12.17
N GLU A 10 -4.19 2.21 11.83
CA GLU A 10 -3.05 1.32 11.97
C GLU A 10 -2.57 0.82 10.60
N LYS A 11 -1.30 0.46 10.52
CA LYS A 11 -0.73 -0.04 9.27
C LYS A 11 -0.79 1.03 8.19
N PRO A 12 0.06 2.07 8.33
CA PRO A 12 0.12 3.17 7.37
C PRO A 12 0.73 2.74 6.04
N TYR A 13 1.41 1.60 6.04
CA TYR A 13 2.04 1.08 4.83
C TYR A 13 1.43 -0.26 4.43
N GLU A 14 0.54 -0.22 3.45
CA GLU A 14 -0.13 -1.44 2.98
C GLU A 14 -0.32 -1.39 1.46
N CYS A 15 -0.33 -2.57 0.84
CA CYS A 15 -0.51 -2.67 -0.60
C CYS A 15 -1.99 -2.79 -0.96
N ASN A 16 -2.38 -2.14 -2.05
CA ASN A 16 -3.77 -2.17 -2.50
C ASN A 16 -3.88 -2.85 -3.86
N GLN A 17 -2.81 -2.81 -4.63
CA GLN A 17 -2.79 -3.41 -5.96
C GLN A 17 -3.25 -4.86 -5.90
N CYS A 18 -2.67 -5.62 -4.98
CA CYS A 18 -3.02 -7.03 -4.81
C CYS A 18 -3.65 -7.28 -3.44
N GLY A 19 -3.32 -6.43 -2.48
CA GLY A 19 -3.86 -6.58 -1.14
C GLY A 19 -2.90 -7.27 -0.19
N LYS A 20 -1.86 -6.56 0.22
CA LYS A 20 -0.86 -7.11 1.13
C LYS A 20 -0.30 -6.02 2.05
N ALA A 21 -0.67 -6.09 3.32
CA ALA A 21 -0.20 -5.12 4.30
C ALA A 21 1.25 -5.39 4.70
N PHE A 22 1.88 -4.41 5.34
CA PHE A 22 3.26 -4.55 5.77
C PHE A 22 3.49 -3.85 7.10
N SER A 23 4.74 -3.85 7.57
CA SER A 23 5.08 -3.23 8.84
C SER A 23 5.95 -1.99 8.61
N VAL A 24 7.10 -2.19 7.97
CA VAL A 24 8.01 -1.09 7.69
C VAL A 24 7.88 -0.62 6.25
N ARG A 25 7.95 0.69 6.06
CA ARG A 25 7.84 1.28 4.73
C ARG A 25 8.85 0.64 3.77
N SER A 26 9.99 0.24 4.31
CA SER A 26 11.04 -0.38 3.50
C SER A 26 10.53 -1.66 2.83
N SER A 27 9.64 -2.36 3.52
CA SER A 27 9.08 -3.60 3.01
C SER A 27 8.16 -3.33 1.83
N LEU A 28 7.31 -2.32 1.97
CA LEU A 28 6.37 -1.96 0.91
C LEU A 28 7.11 -1.62 -0.38
N THR A 29 8.31 -1.05 -0.25
CA THR A 29 9.11 -0.69 -1.40
C THR A 29 9.60 -1.93 -2.14
N THR A 30 9.96 -2.96 -1.40
CA THR A 30 10.44 -4.20 -1.99
C THR A 30 9.32 -4.92 -2.74
N HIS A 31 8.08 -4.66 -2.34
CA HIS A 31 6.92 -5.28 -2.98
C HIS A 31 6.44 -4.45 -4.16
N GLN A 32 6.71 -3.14 -4.11
CA GLN A 32 6.30 -2.24 -5.18
C GLN A 32 6.95 -2.64 -6.50
N ALA A 33 8.09 -3.32 -6.43
CA ALA A 33 8.79 -3.76 -7.62
C ALA A 33 7.86 -4.52 -8.57
N ILE A 34 7.35 -5.65 -8.10
CA ILE A 34 6.44 -6.47 -8.90
C ILE A 34 5.23 -5.66 -9.37
N HIS A 35 4.91 -4.61 -8.61
CA HIS A 35 3.77 -3.75 -8.95
C HIS A 35 4.23 -2.56 -9.78
N THR A 36 4.71 -2.83 -10.99
CA THR A 36 5.18 -1.78 -11.89
C THR A 36 4.13 -0.69 -12.06
N GLY A 37 4.56 0.56 -11.96
CA GLY A 37 3.64 1.68 -12.10
C GLY A 37 4.36 3.02 -12.13
N LYS A 38 5.27 3.17 -13.08
CA LYS A 38 6.03 4.41 -13.22
C LYS A 38 5.65 5.13 -14.51
N LYS A 39 6.00 6.41 -14.60
CA LYS A 39 5.71 7.22 -15.78
C LYS A 39 6.86 8.18 -16.08
N PRO A 40 7.99 7.63 -16.53
CA PRO A 40 9.17 8.43 -16.87
C PRO A 40 8.97 9.27 -18.13
N SER A 41 9.36 10.54 -18.05
CA SER A 41 9.22 11.45 -19.18
C SER A 41 10.30 11.18 -20.24
N GLY A 42 10.10 11.73 -21.43
CA GLY A 42 11.05 11.54 -22.50
C GLY A 42 12.07 12.66 -22.57
N PRO A 43 13.09 12.49 -23.43
CA PRO A 43 14.15 13.49 -23.60
C PRO A 43 13.65 14.75 -24.30
N SER A 44 12.54 14.62 -25.02
CA SER A 44 11.96 15.75 -25.74
C SER A 44 10.68 16.24 -25.06
N SER A 45 10.32 17.48 -25.32
CA SER A 45 9.12 18.07 -24.72
C SER A 45 8.46 19.06 -25.68
N GLY A 46 7.15 19.20 -25.57
CA GLY A 46 6.42 20.11 -26.44
C GLY A 46 5.85 21.30 -25.68
N GLY A 1 -23.09 15.03 14.39
CA GLY A 1 -21.97 14.12 14.53
C GLY A 1 -22.37 12.81 15.16
N SER A 2 -22.22 11.72 14.42
CA SER A 2 -22.58 10.39 14.91
C SER A 2 -21.34 9.62 15.35
N SER A 3 -20.61 10.18 16.32
CA SER A 3 -19.40 9.55 16.82
C SER A 3 -19.72 8.26 17.56
N GLY A 4 -19.01 7.19 17.23
CA GLY A 4 -19.24 5.91 17.86
C GLY A 4 -18.70 4.75 17.05
N SER A 5 -17.41 4.81 16.73
CA SER A 5 -16.76 3.76 15.95
C SER A 5 -15.45 3.34 16.59
N SER A 6 -14.87 2.26 16.07
CA SER A 6 -13.61 1.74 16.61
C SER A 6 -12.67 1.36 15.47
N GLY A 7 -11.39 1.71 15.62
CA GLY A 7 -10.41 1.40 14.61
C GLY A 7 -9.00 1.37 15.16
N THR A 8 -8.41 0.18 15.22
CA THR A 8 -7.06 0.01 15.73
C THR A 8 -6.09 -0.37 14.62
N GLY A 9 -4.85 0.10 14.73
CA GLY A 9 -3.85 -0.20 13.73
C GLY A 9 -4.07 0.56 12.44
N GLU A 10 -3.21 1.53 12.18
CA GLU A 10 -3.32 2.34 10.96
C GLU A 10 -2.73 1.60 9.76
N LYS A 11 -1.45 1.27 9.84
CA LYS A 11 -0.78 0.56 8.76
C LYS A 11 -0.90 1.33 7.45
N PRO A 12 -0.23 2.49 7.37
CA PRO A 12 -0.25 3.34 6.18
C PRO A 12 0.51 2.71 5.01
N TYR A 13 1.34 1.72 5.32
CA TYR A 13 2.13 1.04 4.30
C TYR A 13 1.46 -0.25 3.87
N GLU A 14 0.18 -0.17 3.54
CA GLU A 14 -0.57 -1.35 3.11
C GLU A 14 -0.82 -1.32 1.60
N CYS A 15 -0.48 -2.42 0.94
CA CYS A 15 -0.66 -2.53 -0.51
C CYS A 15 -2.12 -2.77 -0.85
N ASN A 16 -2.58 -2.13 -1.92
CA ASN A 16 -3.97 -2.27 -2.37
C ASN A 16 -4.03 -2.95 -3.73
N GLN A 17 -2.97 -2.81 -4.51
CA GLN A 17 -2.91 -3.41 -5.83
C GLN A 17 -3.24 -4.90 -5.78
N CYS A 18 -2.63 -5.60 -4.83
CA CYS A 18 -2.87 -7.03 -4.67
C CYS A 18 -3.52 -7.32 -3.32
N GLY A 19 -3.28 -6.44 -2.34
CA GLY A 19 -3.85 -6.62 -1.02
C GLY A 19 -2.87 -7.28 -0.06
N LYS A 20 -1.82 -6.56 0.29
CA LYS A 20 -0.81 -7.08 1.22
C LYS A 20 -0.29 -5.98 2.13
N ALA A 21 -0.61 -6.08 3.41
CA ALA A 21 -0.18 -5.09 4.40
C ALA A 21 1.27 -5.34 4.80
N PHE A 22 1.91 -4.30 5.34
CA PHE A 22 3.30 -4.40 5.77
C PHE A 22 3.51 -3.68 7.11
N SER A 23 4.69 -3.87 7.70
CA SER A 23 5.01 -3.24 8.98
C SER A 23 6.00 -2.10 8.79
N VAL A 24 7.01 -2.33 7.95
CA VAL A 24 8.02 -1.32 7.69
C VAL A 24 7.94 -0.83 6.25
N ARG A 25 8.13 0.48 6.07
CA ARG A 25 8.07 1.08 4.74
C ARG A 25 9.01 0.36 3.77
N SER A 26 10.13 -0.11 4.29
CA SER A 26 11.12 -0.82 3.48
C SER A 26 10.48 -2.03 2.80
N SER A 27 9.48 -2.62 3.45
CA SER A 27 8.79 -3.78 2.92
C SER A 27 7.92 -3.40 1.71
N LEU A 28 7.17 -2.32 1.86
CA LEU A 28 6.31 -1.84 0.79
C LEU A 28 7.09 -1.60 -0.50
N THR A 29 8.15 -0.80 -0.39
CA THR A 29 8.99 -0.49 -1.54
C THR A 29 9.47 -1.76 -2.23
N THR A 30 10.02 -2.68 -1.44
CA THR A 30 10.53 -3.94 -1.97
C THR A 30 9.43 -4.71 -2.70
N HIS A 31 8.18 -4.44 -2.33
CA HIS A 31 7.04 -5.10 -2.95
C HIS A 31 6.56 -4.33 -4.16
N GLN A 32 6.80 -3.02 -4.16
CA GLN A 32 6.39 -2.16 -5.26
C GLN A 32 7.05 -2.59 -6.56
N ALA A 33 8.20 -3.24 -6.45
CA ALA A 33 8.93 -3.71 -7.62
C ALA A 33 8.03 -4.51 -8.55
N ILE A 34 7.53 -5.64 -8.05
CA ILE A 34 6.65 -6.49 -8.85
C ILE A 34 5.44 -5.72 -9.36
N HIS A 35 5.09 -4.65 -8.66
CA HIS A 35 3.95 -3.82 -9.03
C HIS A 35 4.40 -2.68 -9.96
N THR A 36 4.52 -2.99 -11.24
CA THR A 36 4.94 -1.99 -12.23
C THR A 36 3.93 -0.86 -12.32
N GLY A 37 2.66 -1.21 -12.34
CA GLY A 37 1.61 -0.20 -12.43
C GLY A 37 0.22 -0.79 -12.19
N LYS A 38 -0.73 0.08 -11.89
CA LYS A 38 -2.10 -0.35 -11.63
C LYS A 38 -3.09 0.79 -11.90
N LYS A 39 -3.96 0.59 -12.87
CA LYS A 39 -4.96 1.60 -13.21
C LYS A 39 -6.10 0.98 -14.03
N PRO A 40 -6.93 0.16 -13.36
CA PRO A 40 -8.07 -0.50 -13.99
C PRO A 40 -9.18 0.47 -14.36
N SER A 41 -9.85 0.21 -15.47
CA SER A 41 -10.93 1.06 -15.94
C SER A 41 -12.28 0.38 -15.75
N GLY A 42 -12.60 0.04 -14.51
CA GLY A 42 -13.86 -0.62 -14.22
C GLY A 42 -14.93 0.36 -13.78
N PRO A 43 -16.05 -0.18 -13.26
CA PRO A 43 -17.17 0.64 -12.80
C PRO A 43 -16.84 1.42 -11.53
N SER A 44 -17.52 2.55 -11.34
CA SER A 44 -17.29 3.38 -10.17
C SER A 44 -18.61 3.74 -9.49
N SER A 45 -18.56 3.87 -8.16
CA SER A 45 -19.75 4.21 -7.39
C SER A 45 -19.67 5.63 -6.85
N GLY A 46 -20.68 6.44 -7.14
CA GLY A 46 -20.70 7.80 -6.67
C GLY A 46 -21.65 8.68 -7.47
N GLY A 1 -15.39 7.40 -9.51
CA GLY A 1 -16.54 6.70 -8.96
C GLY A 1 -16.17 5.76 -7.84
N SER A 2 -15.47 6.27 -6.83
CA SER A 2 -15.05 5.45 -5.70
C SER A 2 -14.72 6.33 -4.49
N SER A 3 -15.54 6.21 -3.45
CA SER A 3 -15.34 7.00 -2.23
C SER A 3 -15.62 6.16 -0.99
N GLY A 4 -14.94 6.48 0.10
CA GLY A 4 -15.13 5.75 1.34
C GLY A 4 -13.88 5.73 2.20
N SER A 5 -13.74 6.75 3.04
CA SER A 5 -12.58 6.85 3.92
C SER A 5 -12.98 6.62 5.38
N SER A 6 -13.59 5.47 5.64
CA SER A 6 -14.03 5.13 6.99
C SER A 6 -12.94 4.38 7.75
N GLY A 7 -12.11 5.13 8.48
CA GLY A 7 -11.03 4.52 9.24
C GLY A 7 -9.70 4.62 8.52
N THR A 8 -8.75 5.31 9.14
CA THR A 8 -7.42 5.48 8.56
C THR A 8 -6.48 4.37 9.02
N GLY A 9 -6.45 4.13 10.32
CA GLY A 9 -5.58 3.10 10.86
C GLY A 9 -4.14 3.56 10.99
N GLU A 10 -3.32 2.74 11.64
CA GLU A 10 -1.91 3.08 11.82
C GLU A 10 -1.03 2.22 10.92
N LYS A 11 -1.58 1.81 9.78
CA LYS A 11 -0.85 0.99 8.82
C LYS A 11 -0.96 1.57 7.42
N PRO A 12 -0.27 2.69 7.17
CA PRO A 12 -0.27 3.36 5.88
C PRO A 12 0.45 2.56 4.80
N TYR A 13 1.28 1.61 5.23
CA TYR A 13 2.04 0.77 4.32
C TYR A 13 1.26 -0.49 3.97
N GLU A 14 0.03 -0.32 3.50
CA GLU A 14 -0.82 -1.45 3.13
C GLU A 14 -1.09 -1.45 1.63
N CYS A 15 -0.46 -2.37 0.92
CA CYS A 15 -0.63 -2.49 -0.52
C CYS A 15 -2.10 -2.74 -0.87
N ASN A 16 -2.60 -1.99 -1.85
CA ASN A 16 -3.99 -2.13 -2.28
C ASN A 16 -4.07 -2.80 -3.65
N GLN A 17 -3.00 -2.65 -4.43
CA GLN A 17 -2.95 -3.25 -5.76
C GLN A 17 -3.30 -4.74 -5.73
N CYS A 18 -2.66 -5.46 -4.82
CA CYS A 18 -2.90 -6.89 -4.67
C CYS A 18 -3.49 -7.21 -3.29
N GLY A 19 -3.20 -6.35 -2.32
CA GLY A 19 -3.71 -6.55 -0.98
C GLY A 19 -2.68 -7.20 -0.07
N LYS A 20 -1.66 -6.45 0.31
CA LYS A 20 -0.62 -6.95 1.19
C LYS A 20 -0.20 -5.91 2.22
N ALA A 21 -0.43 -6.21 3.49
CA ALA A 21 -0.08 -5.30 4.57
C ALA A 21 1.40 -5.44 4.95
N PHE A 22 2.01 -4.32 5.35
CA PHE A 22 3.41 -4.32 5.74
C PHE A 22 3.63 -3.45 6.97
N SER A 23 4.56 -3.87 7.82
CA SER A 23 4.86 -3.13 9.04
C SER A 23 5.88 -2.03 8.77
N VAL A 24 6.93 -2.37 8.05
CA VAL A 24 7.99 -1.42 7.72
C VAL A 24 7.82 -0.90 6.29
N ARG A 25 8.12 0.38 6.10
CA ARG A 25 8.00 1.01 4.79
C ARG A 25 8.93 0.34 3.78
N SER A 26 10.09 -0.10 4.27
CA SER A 26 11.08 -0.76 3.40
C SER A 26 10.45 -1.93 2.65
N SER A 27 9.50 -2.59 3.30
CA SER A 27 8.82 -3.74 2.70
C SER A 27 7.93 -3.29 1.55
N LEU A 28 7.14 -2.26 1.78
CA LEU A 28 6.23 -1.73 0.77
C LEU A 28 7.00 -1.33 -0.49
N THR A 29 8.23 -0.86 -0.30
CA THR A 29 9.07 -0.45 -1.42
C THR A 29 9.67 -1.65 -2.14
N THR A 30 9.92 -2.72 -1.38
CA THR A 30 10.49 -3.93 -1.96
C THR A 30 9.43 -4.73 -2.71
N HIS A 31 8.17 -4.53 -2.35
CA HIS A 31 7.07 -5.23 -3.00
C HIS A 31 6.57 -4.46 -4.21
N GLN A 32 6.77 -3.14 -4.19
CA GLN A 32 6.33 -2.28 -5.28
C GLN A 32 7.03 -2.67 -6.58
N ALA A 33 8.20 -3.30 -6.46
CA ALA A 33 8.96 -3.72 -7.63
C ALA A 33 8.09 -4.53 -8.58
N ILE A 34 7.61 -5.68 -8.11
CA ILE A 34 6.77 -6.55 -8.93
C ILE A 34 5.55 -5.81 -9.44
N HIS A 35 5.16 -4.76 -8.73
CA HIS A 35 4.00 -3.95 -9.11
C HIS A 35 4.38 -2.90 -10.14
N THR A 36 3.83 -3.01 -11.34
CA THR A 36 4.12 -2.08 -12.42
C THR A 36 5.58 -2.16 -12.83
N GLY A 37 6.09 -3.38 -12.97
CA GLY A 37 7.47 -3.57 -13.37
C GLY A 37 7.74 -3.10 -14.79
N LYS A 38 8.18 -1.86 -14.93
CA LYS A 38 8.48 -1.30 -16.23
C LYS A 38 7.27 -1.41 -17.16
N LYS A 39 6.08 -1.27 -16.59
CA LYS A 39 4.84 -1.36 -17.36
C LYS A 39 3.92 -0.18 -17.04
N PRO A 40 4.29 1.01 -17.53
CA PRO A 40 3.52 2.23 -17.32
C PRO A 40 2.19 2.22 -18.08
N SER A 41 1.08 2.20 -17.33
CA SER A 41 -0.25 2.19 -17.93
C SER A 41 -1.00 3.47 -17.62
N GLY A 42 -1.40 4.18 -18.66
CA GLY A 42 -2.13 5.42 -18.49
C GLY A 42 -2.79 5.90 -19.76
N PRO A 43 -3.81 5.16 -20.23
CA PRO A 43 -4.54 5.49 -21.45
C PRO A 43 -5.41 6.73 -21.28
N SER A 44 -5.84 7.30 -22.40
CA SER A 44 -6.68 8.50 -22.38
C SER A 44 -7.91 8.29 -21.51
N SER A 45 -8.20 9.27 -20.67
CA SER A 45 -9.36 9.19 -19.78
C SER A 45 -10.07 10.53 -19.69
N GLY A 46 -11.34 10.49 -19.30
CA GLY A 46 -12.11 11.72 -19.17
C GLY A 46 -12.86 11.81 -17.85
N GLY A 1 -16.38 -0.44 16.97
CA GLY A 1 -16.03 0.95 16.76
C GLY A 1 -16.12 1.35 15.29
N SER A 2 -16.50 2.60 15.04
CA SER A 2 -16.62 3.09 13.67
C SER A 2 -15.61 4.20 13.40
N SER A 3 -14.51 3.84 12.73
CA SER A 3 -13.46 4.80 12.41
C SER A 3 -12.59 4.29 11.27
N GLY A 4 -11.73 5.16 10.76
CA GLY A 4 -10.85 4.79 9.67
C GLY A 4 -10.71 5.88 8.64
N SER A 5 -10.03 6.96 9.00
CA SER A 5 -9.83 8.09 8.10
C SER A 5 -8.55 7.90 7.28
N SER A 6 -8.65 8.17 5.98
CA SER A 6 -7.50 8.03 5.09
C SER A 6 -6.36 8.93 5.53
N GLY A 7 -5.26 8.32 5.96
CA GLY A 7 -4.11 9.09 6.41
C GLY A 7 -3.61 8.64 7.77
N THR A 8 -4.46 8.77 8.78
CA THR A 8 -4.10 8.38 10.14
C THR A 8 -4.99 7.25 10.65
N GLY A 9 -4.43 6.04 10.69
CA GLY A 9 -5.19 4.89 11.16
C GLY A 9 -4.29 3.75 11.58
N GLU A 10 -4.34 2.64 10.84
CA GLU A 10 -3.54 1.48 11.16
C GLU A 10 -2.89 0.90 9.89
N LYS A 11 -1.60 0.63 9.97
CA LYS A 11 -0.87 0.07 8.83
C LYS A 11 -0.97 0.99 7.62
N PRO A 12 -0.26 2.12 7.67
CA PRO A 12 -0.25 3.11 6.59
C PRO A 12 0.47 2.60 5.35
N TYR A 13 1.32 1.59 5.54
CA TYR A 13 2.08 1.02 4.43
C TYR A 13 1.49 -0.32 4.01
N GLU A 14 0.24 -0.30 3.56
CA GLU A 14 -0.44 -1.51 3.13
C GLU A 14 -0.73 -1.47 1.63
N CYS A 15 -0.31 -2.51 0.92
CA CYS A 15 -0.51 -2.59 -0.52
C CYS A 15 -1.98 -2.84 -0.85
N ASN A 16 -2.53 -2.01 -1.73
CA ASN A 16 -3.93 -2.13 -2.14
C ASN A 16 -4.04 -2.78 -3.51
N GLN A 17 -3.01 -2.63 -4.33
CA GLN A 17 -2.99 -3.19 -5.67
C GLN A 17 -3.34 -4.68 -5.64
N CYS A 18 -2.72 -5.41 -4.71
CA CYS A 18 -2.96 -6.83 -4.58
C CYS A 18 -3.59 -7.15 -3.22
N GLY A 19 -3.33 -6.30 -2.23
CA GLY A 19 -3.88 -6.51 -0.91
C GLY A 19 -2.88 -7.15 0.03
N LYS A 20 -1.68 -6.58 0.11
CA LYS A 20 -0.63 -7.12 0.98
C LYS A 20 -0.18 -6.06 1.98
N ALA A 21 -0.56 -6.23 3.23
CA ALA A 21 -0.18 -5.29 4.28
C ALA A 21 1.25 -5.52 4.73
N PHE A 22 1.89 -4.47 5.23
CA PHE A 22 3.27 -4.56 5.71
C PHE A 22 3.47 -3.77 6.99
N SER A 23 4.62 -3.93 7.61
CA SER A 23 4.94 -3.23 8.85
C SER A 23 5.77 -1.98 8.59
N VAL A 24 6.95 -2.17 8.01
CA VAL A 24 7.84 -1.06 7.70
C VAL A 24 7.71 -0.65 6.23
N ARG A 25 7.84 0.64 5.98
CA ARG A 25 7.73 1.17 4.63
C ARG A 25 8.74 0.48 3.70
N SER A 26 9.93 0.20 4.24
CA SER A 26 10.98 -0.44 3.46
C SER A 26 10.48 -1.74 2.85
N SER A 27 9.58 -2.42 3.54
CA SER A 27 9.02 -3.68 3.07
C SER A 27 8.09 -3.44 1.88
N LEU A 28 7.36 -2.34 1.91
CA LEU A 28 6.43 -2.00 0.84
C LEU A 28 7.18 -1.71 -0.45
N THR A 29 8.28 -0.96 -0.35
CA THR A 29 9.08 -0.61 -1.51
C THR A 29 9.59 -1.86 -2.22
N THR A 30 10.01 -2.84 -1.45
CA THR A 30 10.52 -4.09 -2.00
C THR A 30 9.43 -4.85 -2.75
N HIS A 31 8.18 -4.59 -2.37
CA HIS A 31 7.04 -5.25 -3.01
C HIS A 31 6.56 -4.45 -4.21
N GLN A 32 6.81 -3.14 -4.19
CA GLN A 32 6.40 -2.27 -5.28
C GLN A 32 7.07 -2.67 -6.59
N ALA A 33 8.22 -3.34 -6.48
CA ALA A 33 8.96 -3.79 -7.65
C ALA A 33 8.06 -4.56 -8.61
N ILE A 34 7.55 -5.68 -8.14
CA ILE A 34 6.67 -6.52 -8.95
C ILE A 34 5.46 -5.73 -9.45
N HIS A 35 5.12 -4.67 -8.74
CA HIS A 35 3.99 -3.83 -9.11
C HIS A 35 4.43 -2.72 -10.05
N THR A 36 3.49 -2.17 -10.80
CA THR A 36 3.78 -1.09 -11.75
C THR A 36 2.85 0.09 -11.52
N GLY A 37 3.26 1.25 -12.04
CA GLY A 37 2.45 2.45 -11.89
C GLY A 37 3.17 3.70 -12.38
N LYS A 38 3.63 4.51 -11.44
CA LYS A 38 4.35 5.75 -11.77
C LYS A 38 5.84 5.57 -11.59
N LYS A 39 6.50 5.06 -12.64
CA LYS A 39 7.95 4.85 -12.60
C LYS A 39 8.64 5.61 -13.72
N PRO A 40 8.71 6.95 -13.59
CA PRO A 40 9.34 7.81 -14.59
C PRO A 40 10.86 7.64 -14.62
N SER A 41 11.47 8.11 -15.70
CA SER A 41 12.91 8.01 -15.86
C SER A 41 13.37 6.56 -15.74
N GLY A 42 12.75 5.68 -16.52
CA GLY A 42 13.11 4.27 -16.49
C GLY A 42 12.86 3.58 -17.82
N PRO A 43 13.29 2.32 -17.92
CA PRO A 43 13.12 1.52 -19.15
C PRO A 43 11.66 1.15 -19.40
N SER A 44 11.31 1.01 -20.68
CA SER A 44 9.94 0.67 -21.06
C SER A 44 9.84 -0.81 -21.40
N SER A 45 8.61 -1.34 -21.41
CA SER A 45 8.38 -2.73 -21.72
C SER A 45 7.92 -2.90 -23.17
N GLY A 46 8.82 -3.42 -24.01
CA GLY A 46 8.49 -3.63 -25.41
C GLY A 46 9.58 -3.13 -26.32
N GLY A 1 -17.04 -11.57 15.45
CA GLY A 1 -16.26 -12.03 16.58
C GLY A 1 -14.87 -11.45 16.62
N SER A 2 -14.48 -10.92 17.78
CA SER A 2 -13.16 -10.32 17.93
C SER A 2 -12.17 -11.32 18.54
N SER A 3 -10.88 -11.09 18.29
CA SER A 3 -9.85 -11.98 18.81
C SER A 3 -9.07 -11.31 19.94
N GLY A 4 -8.45 -10.17 19.62
CA GLY A 4 -7.69 -9.44 20.63
C GLY A 4 -7.68 -7.95 20.38
N SER A 5 -8.32 -7.20 21.26
CA SER A 5 -8.39 -5.75 21.14
C SER A 5 -7.51 -5.07 22.18
N SER A 6 -6.21 -5.01 21.89
CA SER A 6 -5.26 -4.39 22.80
C SER A 6 -4.90 -2.98 22.34
N GLY A 7 -4.82 -2.80 21.03
CA GLY A 7 -4.48 -1.50 20.47
C GLY A 7 -3.89 -1.60 19.08
N THR A 8 -4.62 -2.24 18.17
CA THR A 8 -4.18 -2.41 16.80
C THR A 8 -4.14 -1.07 16.07
N GLY A 9 -3.76 -1.10 14.79
CA GLY A 9 -3.70 0.12 14.01
C GLY A 9 -2.28 0.66 13.89
N GLU A 10 -1.35 -0.21 13.50
CA GLU A 10 0.05 0.18 13.36
C GLU A 10 0.62 -0.34 12.05
N LYS A 11 -0.09 -0.11 10.95
CA LYS A 11 0.35 -0.55 9.63
C LYS A 11 -0.15 0.39 8.54
N PRO A 12 0.38 1.63 8.53
CA PRO A 12 0.01 2.65 7.55
C PRO A 12 0.52 2.31 6.15
N TYR A 13 1.50 1.41 6.07
CA TYR A 13 2.07 1.00 4.80
C TYR A 13 1.49 -0.33 4.35
N GLU A 14 0.43 -0.27 3.54
CA GLU A 14 -0.22 -1.47 3.04
C GLU A 14 -0.38 -1.41 1.51
N CYS A 15 -0.43 -2.58 0.89
CA CYS A 15 -0.58 -2.66 -0.56
C CYS A 15 -2.06 -2.79 -0.95
N ASN A 16 -2.43 -2.14 -2.05
CA ASN A 16 -3.80 -2.19 -2.53
C ASN A 16 -3.89 -2.88 -3.88
N GLN A 17 -2.78 -2.83 -4.64
CA GLN A 17 -2.73 -3.45 -5.95
C GLN A 17 -3.18 -4.91 -5.88
N CYS A 18 -2.61 -5.66 -4.94
CA CYS A 18 -2.95 -7.06 -4.77
C CYS A 18 -3.59 -7.31 -3.41
N GLY A 19 -3.26 -6.45 -2.46
CA GLY A 19 -3.82 -6.60 -1.12
C GLY A 19 -2.85 -7.27 -0.16
N LYS A 20 -1.86 -6.53 0.29
CA LYS A 20 -0.87 -7.06 1.21
C LYS A 20 -0.33 -5.97 2.14
N ALA A 21 -0.73 -6.03 3.41
CA ALA A 21 -0.29 -5.05 4.39
C ALA A 21 1.15 -5.32 4.83
N PHE A 22 1.79 -4.31 5.40
CA PHE A 22 3.16 -4.43 5.87
C PHE A 22 3.37 -3.67 7.18
N SER A 23 4.57 -3.77 7.74
CA SER A 23 4.89 -3.10 8.99
C SER A 23 5.89 -1.97 8.76
N VAL A 24 6.95 -2.27 8.01
CA VAL A 24 7.98 -1.28 7.71
C VAL A 24 7.83 -0.75 6.29
N ARG A 25 8.08 0.54 6.11
CA ARG A 25 7.98 1.17 4.80
C ARG A 25 8.91 0.50 3.80
N SER A 26 10.09 0.10 4.27
CA SER A 26 11.08 -0.54 3.41
C SER A 26 10.48 -1.75 2.71
N SER A 27 9.69 -2.52 3.45
CA SER A 27 9.05 -3.72 2.91
C SER A 27 8.19 -3.37 1.70
N LEU A 28 7.33 -2.38 1.87
CA LEU A 28 6.43 -1.94 0.79
C LEU A 28 7.23 -1.64 -0.47
N THR A 29 8.27 -0.83 -0.34
CA THR A 29 9.11 -0.47 -1.47
C THR A 29 9.61 -1.71 -2.21
N THR A 30 9.96 -2.75 -1.44
CA THR A 30 10.45 -3.98 -2.01
C THR A 30 9.35 -4.73 -2.75
N HIS A 31 8.11 -4.48 -2.36
CA HIS A 31 6.95 -5.13 -2.98
C HIS A 31 6.49 -4.35 -4.20
N GLN A 32 6.76 -3.04 -4.21
CA GLN A 32 6.36 -2.18 -5.31
C GLN A 32 7.00 -2.64 -6.62
N ALA A 33 8.12 -3.34 -6.51
CA ALA A 33 8.83 -3.85 -7.68
C ALA A 33 7.88 -4.61 -8.60
N ILE A 34 7.34 -5.72 -8.10
CA ILE A 34 6.41 -6.54 -8.87
C ILE A 34 5.23 -5.72 -9.36
N HIS A 35 4.93 -4.65 -8.65
CA HIS A 35 3.81 -3.77 -9.01
C HIS A 35 4.30 -2.61 -9.88
N THR A 36 4.47 -2.87 -11.16
CA THR A 36 4.92 -1.84 -12.09
C THR A 36 3.99 -0.64 -12.08
N GLY A 37 4.58 0.56 -12.06
CA GLY A 37 3.79 1.77 -12.04
C GLY A 37 3.71 2.42 -13.41
N LYS A 38 4.79 2.34 -14.17
CA LYS A 38 4.83 2.93 -15.51
C LYS A 38 4.08 2.06 -16.50
N LYS A 39 2.86 2.47 -16.83
CA LYS A 39 2.04 1.73 -17.78
C LYS A 39 1.74 2.57 -19.02
N PRO A 40 2.76 2.78 -19.86
CA PRO A 40 2.62 3.57 -21.09
C PRO A 40 1.78 2.87 -22.13
N SER A 41 1.58 3.52 -23.27
CA SER A 41 0.79 2.97 -24.36
C SER A 41 1.33 3.40 -25.71
N GLY A 42 1.37 2.46 -26.66
CA GLY A 42 1.87 2.77 -27.99
C GLY A 42 1.26 1.88 -29.06
N PRO A 43 1.71 0.61 -29.10
CA PRO A 43 1.22 -0.36 -30.07
C PRO A 43 -0.23 -0.77 -29.80
N SER A 44 -1.17 0.01 -30.33
CA SER A 44 -2.59 -0.27 -30.14
C SER A 44 -3.18 -0.90 -31.40
N SER A 45 -3.29 -2.23 -31.39
CA SER A 45 -3.84 -2.95 -32.54
C SER A 45 -3.03 -2.66 -33.80
N GLY A 46 -1.77 -2.32 -33.63
CA GLY A 46 -0.91 -2.01 -34.76
C GLY A 46 -0.24 -3.25 -35.31
N GLY A 1 -13.98 -14.43 27.34
CA GLY A 1 -13.16 -15.44 26.70
C GLY A 1 -11.98 -14.85 25.97
N SER A 2 -12.21 -13.75 25.25
CA SER A 2 -11.15 -13.09 24.50
C SER A 2 -10.84 -11.72 25.10
N SER A 3 -9.74 -11.12 24.65
CA SER A 3 -9.32 -9.82 25.15
C SER A 3 -10.33 -8.74 24.74
N GLY A 4 -10.27 -7.60 25.42
CA GLY A 4 -11.18 -6.51 25.13
C GLY A 4 -10.69 -5.64 23.99
N SER A 5 -9.43 -5.22 24.06
CA SER A 5 -8.84 -4.37 23.04
C SER A 5 -7.63 -5.04 22.41
N SER A 6 -7.84 -5.70 21.27
CA SER A 6 -6.76 -6.38 20.57
C SER A 6 -5.63 -5.42 20.23
N GLY A 7 -5.91 -4.48 19.33
CA GLY A 7 -4.91 -3.51 18.93
C GLY A 7 -4.39 -3.76 17.53
N THR A 8 -4.68 -2.83 16.62
CA THR A 8 -4.23 -2.96 15.24
C THR A 8 -3.28 -1.84 14.86
N GLY A 9 -3.68 -0.60 15.12
CA GLY A 9 -2.86 0.54 14.81
C GLY A 9 -2.92 0.92 13.34
N GLU A 10 -2.47 2.13 13.03
CA GLU A 10 -2.49 2.61 11.65
C GLU A 10 -1.64 1.72 10.75
N LYS A 11 -2.05 1.60 9.49
CA LYS A 11 -1.34 0.77 8.53
C LYS A 11 -1.25 1.47 7.17
N PRO A 12 -0.45 2.54 7.10
CA PRO A 12 -0.26 3.32 5.86
C PRO A 12 0.51 2.53 4.81
N TYR A 13 1.18 1.47 5.24
CA TYR A 13 1.96 0.64 4.32
C TYR A 13 1.19 -0.61 3.92
N GLU A 14 -0.07 -0.41 3.52
CA GLU A 14 -0.92 -1.53 3.11
C GLU A 14 -1.17 -1.50 1.60
N CYS A 15 -0.63 -2.49 0.90
CA CYS A 15 -0.79 -2.57 -0.55
C CYS A 15 -2.22 -2.95 -0.91
N ASN A 16 -2.92 -2.02 -1.56
CA ASN A 16 -4.29 -2.26 -1.97
C ASN A 16 -4.36 -2.82 -3.38
N GLN A 17 -3.32 -2.55 -4.16
CA GLN A 17 -3.26 -3.04 -5.54
C GLN A 17 -3.50 -4.55 -5.59
N CYS A 18 -2.82 -5.28 -4.73
CA CYS A 18 -2.97 -6.73 -4.68
C CYS A 18 -3.53 -7.17 -3.34
N GLY A 19 -3.31 -6.37 -2.31
CA GLY A 19 -3.83 -6.69 -0.98
C GLY A 19 -2.77 -7.32 -0.11
N LYS A 20 -1.71 -6.56 0.18
CA LYS A 20 -0.62 -7.06 1.02
C LYS A 20 -0.23 -6.02 2.06
N ALA A 21 -0.47 -6.34 3.33
CA ALA A 21 -0.14 -5.43 4.42
C ALA A 21 1.34 -5.53 4.79
N PHE A 22 1.88 -4.44 5.34
CA PHE A 22 3.28 -4.41 5.73
C PHE A 22 3.45 -3.68 7.06
N SER A 23 4.70 -3.54 7.49
CA SER A 23 5.00 -2.87 8.76
C SER A 23 5.95 -1.69 8.53
N VAL A 24 7.03 -1.94 7.80
CA VAL A 24 8.01 -0.90 7.51
C VAL A 24 7.97 -0.51 6.03
N ARG A 25 8.32 0.75 5.75
CA ARG A 25 8.32 1.24 4.39
C ARG A 25 9.12 0.33 3.47
N SER A 26 10.29 -0.09 3.94
CA SER A 26 11.15 -0.97 3.17
C SER A 26 10.39 -2.19 2.67
N SER A 27 9.56 -2.76 3.55
CA SER A 27 8.78 -3.94 3.20
C SER A 27 7.80 -3.62 2.07
N LEU A 28 7.30 -2.39 2.06
CA LEU A 28 6.35 -1.97 1.02
C LEU A 28 7.08 -1.67 -0.29
N THR A 29 8.18 -0.93 -0.19
CA THR A 29 8.96 -0.57 -1.37
C THR A 29 9.48 -1.82 -2.08
N THR A 30 10.00 -2.76 -1.29
CA THR A 30 10.54 -4.00 -1.84
C THR A 30 9.47 -4.76 -2.63
N HIS A 31 8.21 -4.53 -2.29
CA HIS A 31 7.10 -5.18 -2.96
C HIS A 31 6.66 -4.40 -4.18
N GLN A 32 6.89 -3.09 -4.15
CA GLN A 32 6.52 -2.23 -5.26
C GLN A 32 7.23 -2.62 -6.55
N ALA A 33 8.36 -3.31 -6.40
CA ALA A 33 9.15 -3.75 -7.54
C ALA A 33 8.28 -4.52 -8.53
N ILE A 34 7.72 -5.64 -8.09
CA ILE A 34 6.87 -6.46 -8.94
C ILE A 34 5.70 -5.64 -9.50
N HIS A 35 5.34 -4.58 -8.79
CA HIS A 35 4.25 -3.72 -9.23
C HIS A 35 4.77 -2.59 -10.11
N THR A 36 5.51 -2.96 -11.15
CA THR A 36 6.07 -1.98 -12.08
C THR A 36 4.98 -1.38 -12.96
N GLY A 37 5.02 -0.06 -13.13
CA GLY A 37 4.04 0.61 -13.95
C GLY A 37 4.63 1.16 -15.24
N LYS A 38 3.94 0.92 -16.35
CA LYS A 38 4.40 1.39 -17.65
C LYS A 38 4.04 2.85 -17.86
N LYS A 39 4.91 3.60 -18.53
CA LYS A 39 4.67 5.01 -18.80
C LYS A 39 5.56 5.50 -19.95
N PRO A 40 5.23 5.07 -21.18
CA PRO A 40 5.98 5.46 -22.38
C PRO A 40 5.79 6.92 -22.73
N SER A 41 4.53 7.37 -22.72
CA SER A 41 4.21 8.76 -23.04
C SER A 41 4.64 9.69 -21.92
N GLY A 42 4.92 10.94 -22.27
CA GLY A 42 5.34 11.92 -21.29
C GLY A 42 6.82 11.80 -20.94
N PRO A 43 7.31 12.72 -20.10
CA PRO A 43 8.70 12.75 -19.67
C PRO A 43 9.05 11.58 -18.76
N SER A 44 10.01 10.76 -19.17
CA SER A 44 10.43 9.61 -18.40
C SER A 44 11.25 10.05 -17.17
N SER A 45 11.99 11.14 -17.33
CA SER A 45 12.81 11.66 -16.25
C SER A 45 11.94 12.17 -15.10
N GLY A 46 12.12 11.58 -13.92
CA GLY A 46 11.35 11.99 -12.76
C GLY A 46 10.32 10.95 -12.36
N GLY A 1 -18.79 0.82 8.73
CA GLY A 1 -18.63 0.36 10.10
C GLY A 1 -17.21 -0.06 10.40
N SER A 2 -16.73 0.29 11.58
CA SER A 2 -15.37 -0.06 11.99
C SER A 2 -15.37 -1.27 12.90
N SER A 3 -14.65 -2.32 12.49
CA SER A 3 -14.58 -3.55 13.27
C SER A 3 -13.68 -3.36 14.49
N GLY A 4 -12.60 -2.60 14.32
CA GLY A 4 -11.69 -2.36 15.43
C GLY A 4 -11.26 -0.90 15.51
N SER A 5 -10.86 -0.48 16.70
CA SER A 5 -10.43 0.90 16.92
C SER A 5 -9.12 0.94 17.69
N SER A 6 -9.02 0.10 18.72
CA SER A 6 -7.81 0.04 19.54
C SER A 6 -6.74 -0.81 18.88
N GLY A 7 -5.50 -0.35 18.92
CA GLY A 7 -4.40 -1.08 18.33
C GLY A 7 -3.06 -0.39 18.51
N THR A 8 -2.08 -1.12 19.02
CA THR A 8 -0.75 -0.56 19.25
C THR A 8 -0.21 0.09 17.98
N GLY A 9 -0.60 -0.43 16.83
CA GLY A 9 -0.15 0.11 15.57
C GLY A 9 -1.28 0.37 14.59
N GLU A 10 -1.02 1.16 13.57
CA GLU A 10 -2.03 1.48 12.57
C GLU A 10 -1.67 0.87 11.21
N LYS A 11 -0.37 0.71 10.97
CA LYS A 11 0.11 0.15 9.72
C LYS A 11 -0.33 1.00 8.53
N PRO A 12 0.26 2.20 8.41
CA PRO A 12 -0.06 3.13 7.33
C PRO A 12 0.44 2.65 5.97
N TYR A 13 1.41 1.73 6.01
CA TYR A 13 1.99 1.17 4.78
C TYR A 13 1.34 -0.16 4.44
N GLU A 14 0.40 -0.12 3.49
CA GLU A 14 -0.30 -1.33 3.06
C GLU A 14 -0.54 -1.32 1.55
N CYS A 15 -0.40 -2.48 0.93
CA CYS A 15 -0.60 -2.60 -0.51
C CYS A 15 -2.07 -2.85 -0.83
N ASN A 16 -2.58 -2.14 -1.85
CA ASN A 16 -3.96 -2.29 -2.25
C ASN A 16 -4.06 -2.94 -3.64
N GLN A 17 -3.01 -2.77 -4.43
CA GLN A 17 -2.97 -3.34 -5.77
C GLN A 17 -3.31 -4.83 -5.75
N CYS A 18 -2.67 -5.56 -4.84
CA CYS A 18 -2.91 -6.99 -4.71
C CYS A 18 -3.52 -7.32 -3.35
N GLY A 19 -3.26 -6.47 -2.37
CA GLY A 19 -3.78 -6.69 -1.04
C GLY A 19 -2.77 -7.32 -0.11
N LYS A 20 -1.74 -6.56 0.25
CA LYS A 20 -0.69 -7.06 1.15
C LYS A 20 -0.20 -5.95 2.07
N ALA A 21 -0.54 -6.09 3.36
CA ALA A 21 -0.12 -5.10 4.35
C ALA A 21 1.35 -5.25 4.70
N PHE A 22 1.94 -4.19 5.24
CA PHE A 22 3.34 -4.21 5.62
C PHE A 22 3.58 -3.38 6.88
N SER A 23 4.52 -3.84 7.71
CA SER A 23 4.83 -3.15 8.96
C SER A 23 5.83 -2.02 8.71
N VAL A 24 6.90 -2.33 8.01
CA VAL A 24 7.93 -1.35 7.71
C VAL A 24 7.81 -0.83 6.28
N ARG A 25 8.09 0.45 6.08
CA ARG A 25 8.00 1.06 4.77
C ARG A 25 8.96 0.39 3.78
N SER A 26 10.02 -0.20 4.32
CA SER A 26 11.03 -0.87 3.49
C SER A 26 10.42 -2.08 2.80
N SER A 27 9.43 -2.71 3.45
CA SER A 27 8.77 -3.88 2.91
C SER A 27 7.89 -3.51 1.72
N LEU A 28 7.23 -2.37 1.82
CA LEU A 28 6.35 -1.90 0.75
C LEU A 28 7.14 -1.57 -0.50
N THR A 29 8.18 -0.74 -0.34
CA THR A 29 9.01 -0.36 -1.47
C THR A 29 9.59 -1.58 -2.18
N THR A 30 9.87 -2.62 -1.41
CA THR A 30 10.42 -3.85 -1.96
C THR A 30 9.36 -4.64 -2.72
N HIS A 31 8.10 -4.42 -2.36
CA HIS A 31 6.99 -5.11 -3.01
C HIS A 31 6.52 -4.36 -4.24
N GLN A 32 6.77 -3.05 -4.26
CA GLN A 32 6.37 -2.20 -5.38
C GLN A 32 7.07 -2.64 -6.66
N ALA A 33 8.19 -3.33 -6.51
CA ALA A 33 8.96 -3.81 -7.66
C ALA A 33 8.08 -4.59 -8.62
N ILE A 34 7.57 -5.73 -8.16
CA ILE A 34 6.71 -6.57 -8.98
C ILE A 34 5.49 -5.80 -9.46
N HIS A 35 5.13 -4.75 -8.73
CA HIS A 35 3.98 -3.92 -9.08
C HIS A 35 4.38 -2.82 -10.07
N THR A 36 4.09 -3.05 -11.35
CA THR A 36 4.42 -2.09 -12.39
C THR A 36 3.61 -0.81 -12.22
N GLY A 37 2.30 -0.91 -12.44
CA GLY A 37 1.43 0.25 -12.31
C GLY A 37 1.30 0.71 -10.88
N LYS A 38 0.82 1.94 -10.70
CA LYS A 38 0.65 2.51 -9.36
C LYS A 38 -0.73 3.16 -9.23
N LYS A 39 -0.90 4.30 -9.88
CA LYS A 39 -2.18 5.01 -9.83
C LYS A 39 -2.60 5.28 -8.40
N PRO A 40 -1.86 6.18 -7.72
CA PRO A 40 -2.14 6.55 -6.33
C PRO A 40 -3.42 7.36 -6.19
N SER A 41 -4.20 7.04 -5.16
CA SER A 41 -5.46 7.74 -4.91
C SER A 41 -5.23 9.04 -4.15
N GLY A 42 -6.04 10.06 -4.44
CA GLY A 42 -5.91 11.33 -3.78
C GLY A 42 -6.81 11.46 -2.57
N PRO A 43 -6.74 12.61 -1.89
CA PRO A 43 -7.55 12.88 -0.70
C PRO A 43 -9.03 13.05 -1.03
N SER A 44 -9.30 13.54 -2.23
CA SER A 44 -10.68 13.76 -2.67
C SER A 44 -11.41 14.71 -1.72
N SER A 45 -10.76 15.81 -1.38
CA SER A 45 -11.34 16.80 -0.47
C SER A 45 -11.93 17.98 -1.25
N GLY A 46 -13.12 18.39 -0.86
CA GLY A 46 -13.77 19.51 -1.54
C GLY A 46 -13.09 20.83 -1.25
N GLY A 1 -25.73 -4.16 21.69
CA GLY A 1 -25.31 -2.98 22.42
C GLY A 1 -23.94 -2.50 21.99
N SER A 2 -23.56 -2.80 20.75
CA SER A 2 -22.27 -2.39 20.22
C SER A 2 -22.22 -0.88 20.00
N SER A 3 -21.47 -0.19 20.87
CA SER A 3 -21.34 1.26 20.78
C SER A 3 -19.89 1.68 20.94
N GLY A 4 -19.26 2.07 19.83
CA GLY A 4 -17.87 2.50 19.87
C GLY A 4 -17.11 2.11 18.63
N SER A 5 -17.16 2.98 17.62
CA SER A 5 -16.47 2.71 16.36
C SER A 5 -15.56 3.88 15.99
N SER A 6 -14.24 3.64 16.05
CA SER A 6 -13.27 4.67 15.73
C SER A 6 -12.21 4.14 14.76
N GLY A 7 -11.77 4.99 13.85
CA GLY A 7 -10.77 4.58 12.88
C GLY A 7 -9.36 4.68 13.43
N THR A 8 -8.71 3.53 13.58
CA THR A 8 -7.35 3.49 14.10
C THR A 8 -6.53 2.39 13.44
N GLY A 9 -5.21 2.54 13.46
CA GLY A 9 -4.34 1.54 12.85
C GLY A 9 -2.91 2.02 12.73
N GLU A 10 -1.96 1.12 12.99
CA GLU A 10 -0.55 1.46 12.91
C GLU A 10 0.09 0.83 11.68
N LYS A 11 -0.65 0.82 10.58
CA LYS A 11 -0.15 0.26 9.32
C LYS A 11 -0.41 1.19 8.16
N PRO A 12 0.31 2.32 8.13
CA PRO A 12 0.19 3.32 7.07
C PRO A 12 0.73 2.84 5.74
N TYR A 13 1.53 1.77 5.79
CA TYR A 13 2.11 1.20 4.58
C TYR A 13 1.40 -0.10 4.18
N GLU A 14 0.36 0.03 3.36
CA GLU A 14 -0.40 -1.13 2.91
C GLU A 14 -0.43 -1.21 1.39
N CYS A 15 -0.49 -2.42 0.86
CA CYS A 15 -0.53 -2.63 -0.58
C CYS A 15 -1.95 -2.92 -1.05
N ASN A 16 -2.51 -1.99 -1.82
CA ASN A 16 -3.86 -2.14 -2.34
C ASN A 16 -3.86 -2.86 -3.68
N GLN A 17 -2.72 -2.81 -4.37
CA GLN A 17 -2.58 -3.45 -5.67
C GLN A 17 -3.01 -4.91 -5.60
N CYS A 18 -2.44 -5.65 -4.66
CA CYS A 18 -2.78 -7.06 -4.48
C CYS A 18 -3.48 -7.29 -3.16
N GLY A 19 -3.22 -6.43 -2.19
CA GLY A 19 -3.83 -6.56 -0.88
C GLY A 19 -2.90 -7.18 0.15
N LYS A 20 -1.63 -6.79 0.09
CA LYS A 20 -0.63 -7.31 1.02
C LYS A 20 0.11 -6.17 1.70
N ALA A 21 -0.37 -5.78 2.88
CA ALA A 21 0.25 -4.70 3.64
C ALA A 21 1.49 -5.19 4.39
N PHE A 22 2.28 -4.26 4.91
CA PHE A 22 3.48 -4.61 5.65
C PHE A 22 3.63 -3.72 6.88
N SER A 23 4.74 -3.91 7.60
CA SER A 23 5.00 -3.13 8.81
C SER A 23 5.72 -1.83 8.47
N VAL A 24 6.95 -1.96 7.97
CA VAL A 24 7.75 -0.79 7.61
C VAL A 24 7.63 -0.49 6.12
N ARG A 25 7.78 0.78 5.76
CA ARG A 25 7.69 1.20 4.36
C ARG A 25 8.65 0.40 3.49
N SER A 26 9.75 -0.06 4.09
CA SER A 26 10.75 -0.83 3.38
C SER A 26 10.14 -2.09 2.77
N SER A 27 9.58 -2.94 3.63
CA SER A 27 8.95 -4.18 3.19
C SER A 27 7.93 -3.92 2.08
N LEU A 28 7.32 -2.73 2.13
CA LEU A 28 6.33 -2.36 1.13
C LEU A 28 6.99 -1.96 -0.19
N THR A 29 8.08 -1.20 -0.09
CA THR A 29 8.81 -0.76 -1.27
C THR A 29 9.34 -1.95 -2.07
N THR A 30 10.02 -2.87 -1.38
CA THR A 30 10.57 -4.05 -2.02
C THR A 30 9.50 -4.83 -2.76
N HIS A 31 8.26 -4.68 -2.31
CA HIS A 31 7.13 -5.37 -2.94
C HIS A 31 6.53 -4.53 -4.07
N GLN A 32 6.70 -3.22 -3.98
CA GLN A 32 6.18 -2.31 -4.99
C GLN A 32 6.82 -2.57 -6.35
N ALA A 33 8.01 -3.17 -6.32
CA ALA A 33 8.74 -3.48 -7.55
C ALA A 33 7.85 -4.23 -8.53
N ILE A 34 7.40 -5.41 -8.13
CA ILE A 34 6.55 -6.24 -8.99
C ILE A 34 5.29 -5.47 -9.40
N HIS A 35 4.92 -4.49 -8.59
CA HIS A 35 3.74 -3.68 -8.88
C HIS A 35 4.10 -2.47 -9.73
N THR A 36 3.88 -2.58 -11.04
CA THR A 36 4.19 -1.50 -11.96
C THR A 36 3.32 -0.27 -11.68
N GLY A 37 3.97 0.84 -11.34
CA GLY A 37 3.23 2.06 -11.05
C GLY A 37 3.74 2.75 -9.80
N LYS A 38 4.71 3.65 -9.96
CA LYS A 38 5.27 4.37 -8.83
C LYS A 38 5.40 5.86 -9.15
N LYS A 39 5.01 6.70 -8.21
CA LYS A 39 5.08 8.15 -8.39
C LYS A 39 6.02 8.78 -7.36
N PRO A 40 7.34 8.57 -7.56
CA PRO A 40 8.36 9.11 -6.65
C PRO A 40 8.49 10.63 -6.77
N SER A 41 7.79 11.34 -5.87
CA SER A 41 7.82 12.80 -5.88
C SER A 41 9.05 13.32 -5.14
N GLY A 42 9.14 14.64 -5.01
CA GLY A 42 10.27 15.23 -4.32
C GLY A 42 9.87 15.92 -3.04
N PRO A 43 9.53 15.13 -2.01
CA PRO A 43 9.12 15.65 -0.71
C PRO A 43 10.28 16.31 0.05
N SER A 44 9.97 16.87 1.21
CA SER A 44 10.98 17.53 2.04
C SER A 44 11.31 16.69 3.27
N SER A 45 12.37 17.07 3.96
CA SER A 45 12.79 16.35 5.16
C SER A 45 12.90 17.30 6.36
N GLY A 46 13.73 18.33 6.22
CA GLY A 46 13.90 19.29 7.29
C GLY A 46 15.10 18.98 8.17
N GLY A 1 -23.43 8.61 -0.92
CA GLY A 1 -22.30 8.36 -0.05
C GLY A 1 -22.00 6.89 0.10
N SER A 2 -20.82 6.58 0.64
CA SER A 2 -20.41 5.19 0.84
C SER A 2 -20.82 4.69 2.21
N SER A 3 -21.44 3.52 2.26
CA SER A 3 -21.89 2.94 3.52
C SER A 3 -21.13 1.64 3.82
N GLY A 4 -19.97 1.77 4.45
CA GLY A 4 -19.17 0.61 4.78
C GLY A 4 -17.91 0.52 3.94
N SER A 5 -16.87 -0.09 4.51
CA SER A 5 -15.60 -0.25 3.80
C SER A 5 -15.43 -1.68 3.30
N SER A 6 -14.35 -1.90 2.55
CA SER A 6 -14.08 -3.22 2.00
C SER A 6 -12.68 -3.69 2.40
N GLY A 7 -11.67 -2.95 1.97
CA GLY A 7 -10.30 -3.30 2.29
C GLY A 7 -9.97 -3.10 3.76
N THR A 8 -8.95 -3.79 4.23
CA THR A 8 -8.53 -3.68 5.63
C THR A 8 -7.11 -3.14 5.75
N GLY A 9 -6.76 -2.67 6.93
CA GLY A 9 -5.43 -2.13 7.16
C GLY A 9 -5.21 -1.68 8.59
N GLU A 10 -4.03 -1.98 9.13
CA GLU A 10 -3.71 -1.60 10.51
C GLU A 10 -2.53 -0.63 10.53
N LYS A 11 -1.63 -0.79 9.58
CA LYS A 11 -0.44 0.07 9.50
C LYS A 11 -0.60 1.09 8.38
N PRO A 12 0.21 2.16 8.46
CA PRO A 12 0.17 3.24 7.46
C PRO A 12 0.73 2.79 6.11
N TYR A 13 1.49 1.70 6.12
CA TYR A 13 2.09 1.18 4.90
C TYR A 13 1.47 -0.16 4.53
N GLU A 14 0.70 -0.17 3.44
CA GLU A 14 0.05 -1.39 2.97
C GLU A 14 -0.10 -1.38 1.46
N CYS A 15 -0.47 -2.53 0.90
CA CYS A 15 -0.65 -2.65 -0.55
C CYS A 15 -2.12 -2.82 -0.90
N ASN A 16 -2.54 -2.18 -1.98
CA ASN A 16 -3.92 -2.26 -2.42
C ASN A 16 -4.02 -2.92 -3.79
N GLN A 17 -2.95 -2.83 -4.57
CA GLN A 17 -2.90 -3.41 -5.91
C GLN A 17 -3.31 -4.88 -5.86
N CYS A 18 -2.68 -5.63 -4.96
CA CYS A 18 -2.98 -7.06 -4.81
C CYS A 18 -3.59 -7.35 -3.44
N GLY A 19 -3.27 -6.50 -2.47
CA GLY A 19 -3.80 -6.68 -1.13
C GLY A 19 -2.80 -7.34 -0.20
N LYS A 20 -1.84 -6.56 0.27
CA LYS A 20 -0.81 -7.07 1.18
C LYS A 20 -0.26 -5.96 2.06
N ALA A 21 -0.62 -5.99 3.34
CA ALA A 21 -0.16 -4.98 4.29
C ALA A 21 1.26 -5.29 4.76
N PHE A 22 1.97 -4.25 5.20
CA PHE A 22 3.33 -4.40 5.68
C PHE A 22 3.53 -3.65 7.00
N SER A 23 4.68 -3.89 7.63
CA SER A 23 4.99 -3.24 8.90
C SER A 23 5.86 -2.00 8.67
N VAL A 24 6.99 -2.20 7.99
CA VAL A 24 7.90 -1.10 7.71
C VAL A 24 7.80 -0.65 6.26
N ARG A 25 7.96 0.65 6.03
CA ARG A 25 7.87 1.20 4.68
C ARG A 25 8.87 0.52 3.75
N SER A 26 10.01 0.11 4.32
CA SER A 26 11.06 -0.55 3.53
C SER A 26 10.52 -1.81 2.88
N SER A 27 9.57 -2.47 3.55
CA SER A 27 8.98 -3.70 3.03
C SER A 27 8.09 -3.42 1.83
N LEU A 28 7.22 -2.42 1.97
CA LEU A 28 6.31 -2.04 0.90
C LEU A 28 7.08 -1.79 -0.41
N THR A 29 8.15 -1.01 -0.30
CA THR A 29 8.97 -0.70 -1.47
C THR A 29 9.42 -1.97 -2.19
N THR A 30 9.96 -2.91 -1.42
CA THR A 30 10.43 -4.17 -1.98
C THR A 30 9.32 -4.89 -2.75
N HIS A 31 8.08 -4.61 -2.37
CA HIS A 31 6.92 -5.22 -3.02
C HIS A 31 6.47 -4.39 -4.21
N GLN A 32 6.75 -3.09 -4.16
CA GLN A 32 6.35 -2.18 -5.24
C GLN A 32 7.00 -2.59 -6.55
N ALA A 33 8.15 -3.25 -6.46
CA ALA A 33 8.87 -3.70 -7.64
C ALA A 33 7.96 -4.47 -8.59
N ILE A 34 7.47 -5.62 -8.12
CA ILE A 34 6.57 -6.45 -8.93
C ILE A 34 5.37 -5.65 -9.40
N HIS A 35 5.01 -4.61 -8.66
CA HIS A 35 3.88 -3.76 -9.00
C HIS A 35 4.30 -2.61 -9.90
N THR A 36 4.29 -2.85 -11.20
CA THR A 36 4.69 -1.82 -12.17
C THR A 36 3.64 -1.67 -13.26
N GLY A 37 2.68 -0.78 -13.03
CA GLY A 37 1.63 -0.56 -14.02
C GLY A 37 1.79 0.77 -14.74
N LYS A 38 1.28 0.83 -15.97
CA LYS A 38 1.37 2.05 -16.77
C LYS A 38 0.11 2.89 -16.62
N LYS A 39 -0.15 3.35 -15.40
CA LYS A 39 -1.32 4.17 -15.13
C LYS A 39 -1.08 5.07 -13.92
N PRO A 40 -0.26 6.11 -14.13
CA PRO A 40 0.07 7.08 -13.06
C PRO A 40 -1.11 7.96 -12.70
N SER A 41 -1.86 7.54 -11.69
CA SER A 41 -3.03 8.29 -11.24
C SER A 41 -3.03 8.45 -9.73
N GLY A 42 -3.61 9.54 -9.25
CA GLY A 42 -3.67 9.79 -7.82
C GLY A 42 -3.90 11.25 -7.49
N PRO A 43 -5.13 11.73 -7.74
CA PRO A 43 -5.49 13.12 -7.48
C PRO A 43 -5.57 13.44 -5.99
N SER A 44 -6.16 12.52 -5.22
CA SER A 44 -6.30 12.69 -3.78
C SER A 44 -5.39 11.72 -3.03
N SER A 45 -4.10 12.03 -3.00
CA SER A 45 -3.12 11.19 -2.32
C SER A 45 -1.83 11.95 -2.08
N GLY A 46 -1.21 11.72 -0.92
CA GLY A 46 0.04 12.39 -0.60
C GLY A 46 1.25 11.66 -1.14
N GLY A 1 -19.83 -22.87 20.13
CA GLY A 1 -18.41 -23.11 20.01
C GLY A 1 -17.57 -21.91 20.42
N SER A 2 -16.28 -21.95 20.12
CA SER A 2 -15.38 -20.86 20.46
C SER A 2 -14.81 -20.21 19.21
N SER A 3 -14.80 -18.88 19.20
CA SER A 3 -14.29 -18.12 18.06
C SER A 3 -13.45 -16.94 18.52
N GLY A 4 -12.29 -16.77 17.88
CA GLY A 4 -11.42 -15.67 18.24
C GLY A 4 -10.84 -14.96 17.03
N SER A 5 -11.67 -14.76 16.02
CA SER A 5 -11.24 -14.10 14.79
C SER A 5 -11.57 -12.62 14.82
N SER A 6 -10.74 -11.84 15.51
CA SER A 6 -10.96 -10.40 15.63
C SER A 6 -9.63 -9.66 15.74
N GLY A 7 -9.63 -8.39 15.38
CA GLY A 7 -8.43 -7.59 15.44
C GLY A 7 -8.45 -6.42 14.47
N THR A 8 -7.52 -5.48 14.66
CA THR A 8 -7.44 -4.31 13.79
C THR A 8 -6.07 -3.65 13.89
N GLY A 9 -5.47 -3.37 12.74
CA GLY A 9 -4.17 -2.73 12.72
C GLY A 9 -3.80 -2.21 11.35
N GLU A 10 -4.64 -1.33 10.82
CA GLU A 10 -4.40 -0.74 9.49
C GLU A 10 -3.14 0.13 9.51
N LYS A 11 -2.01 -0.48 9.16
CA LYS A 11 -0.74 0.24 9.12
C LYS A 11 -0.73 1.28 8.01
N PRO A 12 0.18 2.26 8.12
CA PRO A 12 0.31 3.33 7.12
C PRO A 12 0.88 2.82 5.79
N TYR A 13 1.46 1.62 5.83
CA TYR A 13 2.04 1.03 4.62
C TYR A 13 1.35 -0.29 4.28
N GLU A 14 0.26 -0.20 3.52
CA GLU A 14 -0.49 -1.38 3.13
C GLU A 14 -0.77 -1.37 1.62
N CYS A 15 -0.36 -2.44 0.95
CA CYS A 15 -0.56 -2.55 -0.50
C CYS A 15 -2.03 -2.77 -0.82
N ASN A 16 -2.50 -2.11 -1.88
CA ASN A 16 -3.90 -2.23 -2.29
C ASN A 16 -4.00 -2.89 -3.67
N GLN A 17 -2.95 -2.75 -4.47
CA GLN A 17 -2.92 -3.33 -5.80
C GLN A 17 -3.26 -4.81 -5.76
N CYS A 18 -2.65 -5.53 -4.84
CA CYS A 18 -2.90 -6.96 -4.69
C CYS A 18 -3.53 -7.27 -3.35
N GLY A 19 -3.27 -6.41 -2.36
CA GLY A 19 -3.82 -6.61 -1.04
C GLY A 19 -2.83 -7.27 -0.09
N LYS A 20 -1.75 -6.55 0.23
CA LYS A 20 -0.73 -7.08 1.12
C LYS A 20 -0.32 -6.02 2.15
N ALA A 21 -0.60 -6.29 3.42
CA ALA A 21 -0.25 -5.36 4.50
C ALA A 21 1.21 -5.51 4.89
N PHE A 22 1.80 -4.40 5.34
CA PHE A 22 3.20 -4.40 5.74
C PHE A 22 3.39 -3.60 7.03
N SER A 23 4.59 -3.70 7.61
CA SER A 23 4.89 -2.98 8.84
C SER A 23 5.84 -1.82 8.57
N VAL A 24 6.98 -2.11 7.94
CA VAL A 24 7.97 -1.09 7.63
C VAL A 24 7.86 -0.66 6.16
N ARG A 25 8.06 0.63 5.92
CA ARG A 25 7.99 1.16 4.56
C ARG A 25 8.95 0.42 3.63
N SER A 26 10.06 -0.05 4.20
CA SER A 26 11.06 -0.77 3.42
C SER A 26 10.47 -2.05 2.83
N SER A 27 9.50 -2.63 3.53
CA SER A 27 8.86 -3.85 3.07
C SER A 27 7.93 -3.58 1.91
N LEU A 28 7.30 -2.40 1.92
CA LEU A 28 6.38 -2.01 0.86
C LEU A 28 7.12 -1.75 -0.44
N THR A 29 8.19 -0.96 -0.34
CA THR A 29 9.00 -0.62 -1.52
C THR A 29 9.47 -1.88 -2.23
N THR A 30 10.04 -2.81 -1.47
CA THR A 30 10.55 -4.06 -2.03
C THR A 30 9.44 -4.81 -2.78
N HIS A 31 8.19 -4.54 -2.40
CA HIS A 31 7.05 -5.19 -3.04
C HIS A 31 6.56 -4.37 -4.23
N GLN A 32 6.81 -3.07 -4.18
CA GLN A 32 6.39 -2.18 -5.26
C GLN A 32 7.05 -2.57 -6.58
N ALA A 33 8.21 -3.20 -6.49
CA ALA A 33 8.94 -3.63 -7.68
C ALA A 33 8.05 -4.43 -8.62
N ILE A 34 7.57 -5.58 -8.14
CA ILE A 34 6.71 -6.43 -8.94
C ILE A 34 5.48 -5.67 -9.42
N HIS A 35 5.11 -4.63 -8.69
CA HIS A 35 3.95 -3.82 -9.03
C HIS A 35 4.34 -2.69 -9.98
N THR A 36 4.12 -2.92 -11.28
CA THR A 36 4.45 -1.92 -12.29
C THR A 36 3.27 -1.01 -12.57
N GLY A 37 3.11 0.03 -11.75
CA GLY A 37 2.01 0.95 -11.93
C GLY A 37 2.42 2.19 -12.72
N LYS A 38 2.25 2.14 -14.03
CA LYS A 38 2.61 3.26 -14.89
C LYS A 38 1.46 4.26 -14.98
N LYS A 39 0.25 3.76 -15.21
CA LYS A 39 -0.93 4.60 -15.32
C LYS A 39 -1.92 4.29 -14.20
N PRO A 40 -1.59 4.72 -12.98
CA PRO A 40 -2.45 4.50 -11.81
C PRO A 40 -3.72 5.33 -11.85
N SER A 41 -4.80 4.78 -11.32
CA SER A 41 -6.09 5.46 -11.30
C SER A 41 -6.41 5.98 -9.90
N GLY A 42 -5.96 5.25 -8.89
CA GLY A 42 -6.21 5.64 -7.52
C GLY A 42 -7.25 4.77 -6.84
N PRO A 43 -7.71 5.19 -5.66
CA PRO A 43 -8.72 4.45 -4.88
C PRO A 43 -10.09 4.46 -5.54
N SER A 44 -11.06 3.84 -4.89
CA SER A 44 -12.42 3.77 -5.42
C SER A 44 -13.01 5.17 -5.58
N SER A 45 -13.17 5.59 -6.83
CA SER A 45 -13.72 6.91 -7.12
C SER A 45 -15.20 6.98 -6.75
N GLY A 46 -15.51 7.76 -5.73
CA GLY A 46 -16.89 7.90 -5.29
C GLY A 46 -17.08 9.09 -4.37
N GLY A 1 -20.74 -14.29 16.25
CA GLY A 1 -21.14 -13.44 17.36
C GLY A 1 -20.09 -12.40 17.71
N SER A 2 -19.71 -11.60 16.72
CA SER A 2 -18.71 -10.56 16.92
C SER A 2 -19.34 -9.17 16.80
N SER A 3 -20.21 -8.84 17.75
CA SER A 3 -20.88 -7.54 17.74
C SER A 3 -19.90 -6.43 18.09
N GLY A 4 -19.77 -5.46 17.18
CA GLY A 4 -18.87 -4.35 17.41
C GLY A 4 -17.43 -4.70 17.09
N SER A 5 -16.73 -3.78 16.43
CA SER A 5 -15.34 -3.99 16.05
C SER A 5 -14.43 -3.90 17.28
N SER A 6 -13.43 -4.77 17.33
CA SER A 6 -12.49 -4.80 18.44
C SER A 6 -11.24 -3.98 18.13
N GLY A 7 -10.92 -3.89 16.83
CA GLY A 7 -9.75 -3.14 16.41
C GLY A 7 -8.57 -4.04 16.09
N THR A 8 -8.62 -4.69 14.94
CA THR A 8 -7.54 -5.59 14.52
C THR A 8 -6.21 -4.85 14.45
N GLY A 9 -6.22 -3.67 13.85
CA GLY A 9 -5.01 -2.88 13.73
C GLY A 9 -4.46 -2.87 12.32
N GLU A 10 -4.07 -1.70 11.84
CA GLU A 10 -3.53 -1.56 10.50
C GLU A 10 -2.37 -0.56 10.48
N LYS A 11 -1.43 -0.79 9.58
CA LYS A 11 -0.26 0.09 9.45
C LYS A 11 -0.47 1.11 8.34
N PRO A 12 0.32 2.19 8.38
CA PRO A 12 0.24 3.26 7.38
C PRO A 12 0.76 2.82 6.01
N TYR A 13 1.52 1.73 6.00
CA TYR A 13 2.08 1.20 4.76
C TYR A 13 1.43 -0.13 4.40
N GLU A 14 0.46 -0.08 3.49
CA GLU A 14 -0.23 -1.28 3.05
C GLU A 14 -0.41 -1.28 1.53
N CYS A 15 -0.46 -2.47 0.95
CA CYS A 15 -0.63 -2.62 -0.49
C CYS A 15 -2.08 -2.92 -0.84
N ASN A 16 -2.66 -2.09 -1.70
CA ASN A 16 -4.05 -2.26 -2.11
C ASN A 16 -4.12 -2.92 -3.49
N GLN A 17 -3.08 -2.72 -4.28
CA GLN A 17 -3.02 -3.29 -5.63
C GLN A 17 -3.31 -4.78 -5.59
N CYS A 18 -2.69 -5.49 -4.66
CA CYS A 18 -2.88 -6.92 -4.52
C CYS A 18 -3.55 -7.26 -3.19
N GLY A 19 -3.34 -6.40 -2.20
CA GLY A 19 -3.92 -6.62 -0.89
C GLY A 19 -2.93 -7.24 0.08
N LYS A 20 -1.72 -6.69 0.12
CA LYS A 20 -0.68 -7.20 1.00
C LYS A 20 -0.17 -6.09 1.92
N ALA A 21 -0.64 -6.08 3.16
CA ALA A 21 -0.22 -5.08 4.13
C ALA A 21 1.22 -5.32 4.57
N PHE A 22 1.85 -4.28 5.12
CA PHE A 22 3.22 -4.37 5.59
C PHE A 22 3.41 -3.59 6.88
N SER A 23 4.48 -3.90 7.60
CA SER A 23 4.78 -3.24 8.87
C SER A 23 5.68 -2.03 8.64
N VAL A 24 6.76 -2.23 7.92
CA VAL A 24 7.72 -1.17 7.63
C VAL A 24 7.65 -0.74 6.16
N ARG A 25 7.85 0.54 5.91
CA ARG A 25 7.80 1.07 4.55
C ARG A 25 8.81 0.34 3.66
N SER A 26 9.97 0.03 4.22
CA SER A 26 11.02 -0.65 3.47
C SER A 26 10.48 -1.92 2.83
N SER A 27 9.58 -2.60 3.52
CA SER A 27 8.98 -3.83 3.03
C SER A 27 8.05 -3.56 1.85
N LEU A 28 7.36 -2.41 1.90
CA LEU A 28 6.44 -2.03 0.84
C LEU A 28 7.19 -1.77 -0.46
N THR A 29 8.21 -0.92 -0.39
CA THR A 29 9.02 -0.58 -1.56
C THR A 29 9.51 -1.83 -2.26
N THR A 30 10.09 -2.74 -1.50
CA THR A 30 10.61 -3.98 -2.06
C THR A 30 9.53 -4.76 -2.80
N HIS A 31 8.28 -4.52 -2.41
CA HIS A 31 7.14 -5.19 -3.04
C HIS A 31 6.64 -4.39 -4.24
N GLN A 32 6.86 -3.08 -4.20
CA GLN A 32 6.42 -2.21 -5.29
C GLN A 32 7.09 -2.59 -6.60
N ALA A 33 8.25 -3.22 -6.51
CA ALA A 33 8.99 -3.63 -7.69
C ALA A 33 8.10 -4.46 -8.62
N ILE A 34 7.65 -5.61 -8.14
CA ILE A 34 6.79 -6.49 -8.93
C ILE A 34 5.55 -5.75 -9.42
N HIS A 35 5.17 -4.71 -8.68
CA HIS A 35 4.00 -3.91 -9.04
C HIS A 35 4.36 -2.82 -10.03
N THR A 36 4.00 -3.03 -11.30
CA THR A 36 4.29 -2.06 -12.35
C THR A 36 3.52 -0.76 -12.11
N GLY A 37 2.20 -0.86 -12.11
CA GLY A 37 1.38 0.33 -11.90
C GLY A 37 0.21 0.39 -12.86
N LYS A 38 -0.86 -0.33 -12.53
CA LYS A 38 -2.05 -0.36 -13.37
C LYS A 38 -3.18 0.44 -12.74
N LYS A 39 -3.35 0.28 -11.43
CA LYS A 39 -4.39 0.99 -10.69
C LYS A 39 -5.76 0.69 -11.27
N PRO A 40 -6.21 -0.57 -11.11
CA PRO A 40 -7.52 -1.01 -11.61
C PRO A 40 -8.68 -0.39 -10.85
N SER A 41 -8.58 -0.40 -9.52
CA SER A 41 -9.62 0.16 -8.67
C SER A 41 -9.52 1.69 -8.61
N GLY A 42 -10.28 2.36 -9.47
CA GLY A 42 -10.26 3.81 -9.51
C GLY A 42 -11.13 4.42 -8.44
N PRO A 43 -11.17 5.77 -8.39
CA PRO A 43 -11.97 6.51 -7.41
C PRO A 43 -13.47 6.39 -7.68
N SER A 44 -14.25 6.44 -6.61
CA SER A 44 -15.71 6.33 -6.73
C SER A 44 -16.37 7.65 -6.36
N SER A 45 -17.52 7.93 -7.00
CA SER A 45 -18.26 9.16 -6.74
C SER A 45 -19.53 8.87 -5.94
N GLY A 46 -19.36 8.53 -4.67
CA GLY A 46 -20.49 8.22 -3.82
C GLY A 46 -21.34 9.45 -3.54
N GLY A 1 -18.01 -0.42 8.49
CA GLY A 1 -17.47 0.43 9.53
C GLY A 1 -16.00 0.16 9.79
N SER A 2 -15.13 0.79 9.02
CA SER A 2 -13.70 0.61 9.16
C SER A 2 -12.97 1.95 9.08
N SER A 3 -12.38 2.37 10.19
CA SER A 3 -11.66 3.63 10.24
C SER A 3 -10.31 3.45 10.95
N GLY A 4 -9.30 4.15 10.46
CA GLY A 4 -7.97 4.06 11.05
C GLY A 4 -7.67 5.24 11.96
N SER A 5 -7.02 4.95 13.08
CA SER A 5 -6.67 5.99 14.04
C SER A 5 -5.39 5.64 14.79
N SER A 6 -4.89 6.57 15.58
CA SER A 6 -3.67 6.37 16.36
C SER A 6 -3.98 5.76 17.71
N GLY A 7 -4.72 4.65 17.71
CA GLY A 7 -5.08 3.99 18.95
C GLY A 7 -4.07 2.94 19.37
N THR A 8 -3.93 1.91 18.55
CA THR A 8 -2.99 0.83 18.84
C THR A 8 -1.95 0.70 17.73
N GLY A 9 -2.39 0.82 16.49
CA GLY A 9 -1.47 0.72 15.37
C GLY A 9 -2.17 0.92 14.03
N GLU A 10 -1.47 1.54 13.09
CA GLU A 10 -2.02 1.79 11.77
C GLU A 10 -1.18 1.13 10.69
N LYS A 11 -1.74 1.06 9.48
CA LYS A 11 -1.04 0.44 8.36
C LYS A 11 -0.92 1.42 7.20
N PRO A 12 -0.05 2.42 7.36
CA PRO A 12 0.20 3.44 6.33
C PRO A 12 0.92 2.88 5.11
N TYR A 13 1.56 1.72 5.29
CA TYR A 13 2.29 1.09 4.21
C TYR A 13 1.62 -0.22 3.78
N GLU A 14 0.31 -0.16 3.57
CA GLU A 14 -0.45 -1.34 3.17
C GLU A 14 -0.68 -1.35 1.65
N CYS A 15 -0.39 -2.47 1.01
CA CYS A 15 -0.58 -2.61 -0.42
C CYS A 15 -2.04 -2.85 -0.76
N ASN A 16 -2.52 -2.17 -1.80
CA ASN A 16 -3.91 -2.30 -2.24
C ASN A 16 -3.99 -2.95 -3.62
N GLN A 17 -2.92 -2.80 -4.40
CA GLN A 17 -2.87 -3.37 -5.74
C GLN A 17 -3.20 -4.86 -5.71
N CYS A 18 -2.60 -5.57 -4.76
CA CYS A 18 -2.83 -7.01 -4.62
C CYS A 18 -3.50 -7.32 -3.29
N GLY A 19 -3.28 -6.46 -2.31
CA GLY A 19 -3.86 -6.67 -0.99
C GLY A 19 -2.89 -7.31 -0.02
N LYS A 20 -1.80 -6.61 0.26
CA LYS A 20 -0.78 -7.11 1.18
C LYS A 20 -0.34 -6.02 2.15
N ALA A 21 -0.67 -6.22 3.43
CA ALA A 21 -0.32 -5.25 4.47
C ALA A 21 1.11 -5.48 4.96
N PHE A 22 1.81 -4.39 5.27
CA PHE A 22 3.18 -4.47 5.75
C PHE A 22 3.37 -3.63 7.01
N SER A 23 4.51 -3.78 7.65
CA SER A 23 4.82 -3.04 8.87
C SER A 23 5.74 -1.85 8.57
N VAL A 24 6.91 -2.14 8.03
CA VAL A 24 7.88 -1.10 7.69
C VAL A 24 7.77 -0.71 6.23
N ARG A 25 7.98 0.57 5.95
CA ARG A 25 7.91 1.07 4.58
C ARG A 25 8.85 0.29 3.66
N SER A 26 10.02 -0.05 4.19
CA SER A 26 11.01 -0.79 3.41
C SER A 26 10.39 -2.04 2.80
N SER A 27 9.45 -2.64 3.52
CA SER A 27 8.78 -3.85 3.05
C SER A 27 7.90 -3.55 1.85
N LEU A 28 7.28 -2.37 1.85
CA LEU A 28 6.40 -1.97 0.77
C LEU A 28 7.21 -1.65 -0.49
N THR A 29 8.34 -0.96 -0.31
CA THR A 29 9.19 -0.60 -1.43
C THR A 29 9.66 -1.84 -2.20
N THR A 30 10.13 -2.84 -1.46
CA THR A 30 10.60 -4.07 -2.08
C THR A 30 9.48 -4.79 -2.82
N HIS A 31 8.25 -4.52 -2.41
CA HIS A 31 7.08 -5.14 -3.05
C HIS A 31 6.62 -4.32 -4.24
N GLN A 32 6.83 -3.00 -4.17
CA GLN A 32 6.44 -2.11 -5.25
C GLN A 32 7.09 -2.53 -6.57
N ALA A 33 8.21 -3.23 -6.47
CA ALA A 33 8.92 -3.69 -7.66
C ALA A 33 7.99 -4.44 -8.60
N ILE A 34 7.48 -5.57 -8.14
CA ILE A 34 6.57 -6.39 -8.94
C ILE A 34 5.36 -5.58 -9.40
N HIS A 35 5.05 -4.52 -8.66
CA HIS A 35 3.91 -3.66 -8.99
C HIS A 35 4.36 -2.50 -9.88
N THR A 36 4.59 -2.80 -11.16
CA THR A 36 5.03 -1.80 -12.12
C THR A 36 4.68 -2.21 -13.54
N GLY A 37 4.60 -1.23 -14.43
CA GLY A 37 4.28 -1.50 -15.82
C GLY A 37 5.20 -0.79 -16.79
N LYS A 38 5.10 0.53 -16.83
CA LYS A 38 5.94 1.33 -17.71
C LYS A 38 5.80 2.82 -17.39
N LYS A 39 6.86 3.42 -16.86
CA LYS A 39 6.85 4.83 -16.51
C LYS A 39 7.09 5.69 -17.75
N PRO A 40 6.71 6.98 -17.65
CA PRO A 40 6.87 7.93 -18.76
C PRO A 40 8.33 8.28 -19.01
N SER A 41 8.79 7.99 -20.22
CA SER A 41 10.17 8.26 -20.60
C SER A 41 10.41 9.76 -20.76
N GLY A 42 10.68 10.44 -19.64
CA GLY A 42 10.92 11.87 -19.68
C GLY A 42 11.72 12.35 -18.48
N PRO A 43 11.90 13.68 -18.39
CA PRO A 43 12.65 14.30 -17.29
C PRO A 43 11.90 14.21 -15.96
N SER A 44 12.44 13.41 -15.04
CA SER A 44 11.83 13.24 -13.73
C SER A 44 12.39 14.24 -12.72
N SER A 45 12.00 15.49 -12.86
CA SER A 45 12.47 16.56 -11.98
C SER A 45 11.50 16.76 -10.81
N GLY A 46 11.39 15.73 -9.96
CA GLY A 46 10.51 15.81 -8.82
C GLY A 46 11.20 16.34 -7.58
N GLY A 1 -21.76 -8.20 -6.19
CA GLY A 1 -23.06 -7.60 -6.43
C GLY A 1 -23.00 -6.40 -7.33
N SER A 2 -23.32 -5.22 -6.79
CA SER A 2 -23.30 -3.98 -7.55
C SER A 2 -22.25 -3.03 -6.99
N SER A 3 -22.55 -2.42 -5.85
CA SER A 3 -21.65 -1.48 -5.21
C SER A 3 -20.27 -2.12 -4.99
N GLY A 4 -19.26 -1.27 -4.78
CA GLY A 4 -17.92 -1.78 -4.55
C GLY A 4 -16.92 -0.66 -4.34
N SER A 5 -17.13 0.14 -3.30
CA SER A 5 -16.24 1.26 -2.99
C SER A 5 -15.63 1.10 -1.60
N SER A 6 -14.45 0.49 -1.55
CA SER A 6 -13.77 0.27 -0.29
C SER A 6 -12.69 1.32 -0.07
N GLY A 7 -12.70 1.94 1.11
CA GLY A 7 -11.72 2.96 1.43
C GLY A 7 -11.22 2.86 2.85
N THR A 8 -10.89 1.65 3.28
CA THR A 8 -10.40 1.42 4.63
C THR A 8 -8.99 0.83 4.61
N GLY A 9 -8.32 0.88 5.76
CA GLY A 9 -6.97 0.34 5.85
C GLY A 9 -6.46 0.30 7.28
N GLU A 10 -5.74 -0.77 7.61
CA GLU A 10 -5.20 -0.93 8.95
C GLU A 10 -3.94 -0.08 9.14
N LYS A 11 -3.02 -0.18 8.20
CA LYS A 11 -1.77 0.58 8.25
C LYS A 11 -1.56 1.39 6.98
N PRO A 12 -0.71 2.41 7.06
CA PRO A 12 -0.40 3.28 5.92
C PRO A 12 0.40 2.56 4.84
N TYR A 13 0.99 1.43 5.20
CA TYR A 13 1.79 0.65 4.26
C TYR A 13 1.06 -0.63 3.85
N GLU A 14 -0.24 -0.48 3.57
CA GLU A 14 -1.05 -1.63 3.17
C GLU A 14 -1.32 -1.61 1.66
N CYS A 15 -0.67 -2.52 0.94
CA CYS A 15 -0.84 -2.61 -0.50
C CYS A 15 -2.27 -2.99 -0.87
N ASN A 16 -2.99 -2.04 -1.47
CA ASN A 16 -4.37 -2.28 -1.87
C ASN A 16 -4.44 -2.81 -3.30
N GLN A 17 -3.41 -2.51 -4.08
CA GLN A 17 -3.35 -2.95 -5.47
C GLN A 17 -3.59 -4.46 -5.57
N CYS A 18 -2.89 -5.22 -4.74
CA CYS A 18 -3.03 -6.68 -4.73
C CYS A 18 -3.58 -7.16 -3.40
N GLY A 19 -3.35 -6.39 -2.35
CA GLY A 19 -3.82 -6.75 -1.03
C GLY A 19 -2.74 -7.39 -0.17
N LYS A 20 -1.75 -6.60 0.20
CA LYS A 20 -0.64 -7.09 1.03
C LYS A 20 -0.24 -6.05 2.07
N ALA A 21 -0.47 -6.39 3.34
CA ALA A 21 -0.13 -5.49 4.44
C ALA A 21 1.37 -5.55 4.74
N PHE A 22 1.87 -4.49 5.36
CA PHE A 22 3.29 -4.41 5.71
C PHE A 22 3.48 -3.69 7.04
N SER A 23 4.74 -3.48 7.42
CA SER A 23 5.07 -2.80 8.67
C SER A 23 5.88 -1.55 8.42
N VAL A 24 7.01 -1.71 7.73
CA VAL A 24 7.88 -0.58 7.41
C VAL A 24 7.93 -0.32 5.92
N ARG A 25 8.18 0.93 5.54
CA ARG A 25 8.25 1.32 4.14
C ARG A 25 9.21 0.41 3.38
N SER A 26 10.28 -0.01 4.05
CA SER A 26 11.28 -0.87 3.44
C SER A 26 10.63 -2.15 2.90
N SER A 27 9.65 -2.67 3.63
CA SER A 27 8.95 -3.88 3.23
C SER A 27 8.02 -3.61 2.06
N LEU A 28 7.36 -2.46 2.08
CA LEU A 28 6.43 -2.08 1.03
C LEU A 28 7.19 -1.77 -0.27
N THR A 29 8.37 -1.18 -0.14
CA THR A 29 9.19 -0.84 -1.30
C THR A 29 9.63 -2.10 -2.04
N THR A 30 10.13 -3.08 -1.30
CA THR A 30 10.58 -4.33 -1.90
C THR A 30 9.47 -5.00 -2.69
N HIS A 31 8.23 -4.70 -2.34
CA HIS A 31 7.08 -5.27 -3.03
C HIS A 31 6.66 -4.41 -4.21
N GLN A 32 6.98 -3.11 -4.14
CA GLN A 32 6.64 -2.18 -5.20
C GLN A 32 7.32 -2.57 -6.51
N ALA A 33 8.44 -3.29 -6.39
CA ALA A 33 9.18 -3.73 -7.57
C ALA A 33 8.27 -4.44 -8.56
N ILE A 34 7.70 -5.57 -8.15
CA ILE A 34 6.82 -6.34 -9.00
C ILE A 34 5.66 -5.48 -9.52
N HIS A 35 5.32 -4.44 -8.75
CA HIS A 35 4.23 -3.54 -9.12
C HIS A 35 4.76 -2.39 -9.97
N THR A 36 3.84 -1.62 -10.56
CA THR A 36 4.21 -0.49 -11.40
C THR A 36 3.91 0.84 -10.70
N GLY A 37 2.90 0.83 -9.84
CA GLY A 37 2.53 2.02 -9.12
C GLY A 37 1.22 2.61 -9.59
N LYS A 38 1.17 3.93 -9.72
CA LYS A 38 -0.04 4.61 -10.17
C LYS A 38 0.31 5.95 -10.82
N LYS A 39 -0.34 6.24 -11.94
CA LYS A 39 -0.11 7.48 -12.67
C LYS A 39 -1.41 8.05 -13.21
N PRO A 40 -2.29 8.51 -12.30
CA PRO A 40 -3.59 9.09 -12.66
C PRO A 40 -3.45 10.44 -13.35
N SER A 41 -4.14 10.60 -14.48
CA SER A 41 -4.08 11.84 -15.25
C SER A 41 -4.75 12.97 -14.48
N GLY A 42 -3.97 13.66 -13.64
CA GLY A 42 -4.51 14.76 -12.87
C GLY A 42 -3.64 15.09 -11.67
N PRO A 43 -2.51 15.76 -11.93
CA PRO A 43 -1.55 16.15 -10.88
C PRO A 43 -2.11 17.26 -9.99
N SER A 44 -1.77 17.20 -8.70
CA SER A 44 -2.24 18.20 -7.74
C SER A 44 -1.09 18.70 -6.87
N SER A 45 -0.47 19.79 -7.29
CA SER A 45 0.65 20.37 -6.55
C SER A 45 0.26 20.64 -5.10
N GLY A 46 1.26 20.71 -4.22
CA GLY A 46 1.02 20.94 -2.82
C GLY A 46 1.81 20.02 -1.93
N GLY A 1 -22.05 0.94 24.15
CA GLY A 1 -22.50 2.20 23.61
C GLY A 1 -22.15 2.37 22.15
N SER A 2 -21.16 1.61 21.68
CA SER A 2 -20.74 1.68 20.29
C SER A 2 -21.18 0.44 19.52
N SER A 3 -22.19 0.60 18.68
CA SER A 3 -22.72 -0.52 17.90
C SER A 3 -21.84 -0.78 16.69
N GLY A 4 -20.75 -1.53 16.90
CA GLY A 4 -19.84 -1.84 15.81
C GLY A 4 -18.39 -1.76 16.23
N SER A 5 -18.03 -2.48 17.29
CA SER A 5 -16.67 -2.48 17.79
C SER A 5 -15.76 -3.34 16.92
N SER A 6 -15.18 -2.74 15.89
CA SER A 6 -14.31 -3.45 14.97
C SER A 6 -12.85 -3.05 15.19
N GLY A 7 -12.10 -3.91 15.86
CA GLY A 7 -10.70 -3.63 16.14
C GLY A 7 -9.89 -3.47 14.86
N THR A 8 -9.45 -2.24 14.59
CA THR A 8 -8.66 -1.96 13.39
C THR A 8 -7.49 -1.05 13.72
N GLY A 9 -6.73 -0.69 12.69
CA GLY A 9 -5.58 0.18 12.89
C GLY A 9 -5.41 1.17 11.76
N GLU A 10 -4.25 1.83 11.72
CA GLU A 10 -3.96 2.82 10.68
C GLU A 10 -3.35 2.15 9.45
N LYS A 11 -2.22 1.47 9.65
CA LYS A 11 -1.54 0.79 8.56
C LYS A 11 -1.25 1.75 7.41
N PRO A 12 -0.27 2.63 7.61
CA PRO A 12 0.14 3.61 6.60
C PRO A 12 0.82 2.97 5.40
N TYR A 13 1.27 1.73 5.58
CA TYR A 13 1.95 1.00 4.52
C TYR A 13 1.17 -0.24 4.12
N GLU A 14 0.06 -0.04 3.43
CA GLU A 14 -0.78 -1.15 2.98
C GLU A 14 -0.90 -1.18 1.46
N CYS A 15 -0.67 -2.35 0.89
CA CYS A 15 -0.75 -2.51 -0.57
C CYS A 15 -2.17 -2.87 -1.00
N ASN A 16 -2.78 -1.99 -1.79
CA ASN A 16 -4.14 -2.21 -2.27
C ASN A 16 -4.12 -2.91 -3.63
N GLN A 17 -3.02 -2.76 -4.36
CA GLN A 17 -2.87 -3.38 -5.67
C GLN A 17 -3.21 -4.86 -5.61
N CYS A 18 -2.60 -5.55 -4.65
CA CYS A 18 -2.83 -6.99 -4.50
C CYS A 18 -3.51 -7.29 -3.16
N GLY A 19 -3.31 -6.40 -2.19
CA GLY A 19 -3.91 -6.58 -0.88
C GLY A 19 -2.95 -7.20 0.12
N LYS A 20 -1.72 -6.67 0.16
CA LYS A 20 -0.71 -7.17 1.08
C LYS A 20 -0.01 -6.02 1.80
N ALA A 21 -0.41 -5.77 3.03
CA ALA A 21 0.19 -4.69 3.82
C ALA A 21 1.42 -5.18 4.57
N PHE A 22 2.31 -4.24 4.90
CA PHE A 22 3.54 -4.58 5.61
C PHE A 22 3.73 -3.67 6.82
N SER A 23 4.73 -3.99 7.65
CA SER A 23 5.02 -3.21 8.84
C SER A 23 5.83 -1.97 8.50
N VAL A 24 7.09 -2.18 8.12
CA VAL A 24 7.98 -1.08 7.77
C VAL A 24 7.82 -0.70 6.30
N ARG A 25 8.01 0.58 6.00
CA ARG A 25 7.89 1.07 4.63
C ARG A 25 8.84 0.33 3.70
N SER A 26 9.92 -0.21 4.26
CA SER A 26 10.91 -0.94 3.48
C SER A 26 10.27 -2.13 2.78
N SER A 27 9.68 -3.02 3.55
CA SER A 27 9.03 -4.21 3.01
C SER A 27 8.04 -3.83 1.90
N LEU A 28 7.46 -2.64 2.02
CA LEU A 28 6.49 -2.16 1.04
C LEU A 28 7.21 -1.66 -0.22
N THR A 29 8.24 -0.85 -0.02
CA THR A 29 9.01 -0.31 -1.14
C THR A 29 9.65 -1.42 -1.97
N THR A 30 9.86 -2.57 -1.33
CA THR A 30 10.47 -3.71 -2.01
C THR A 30 9.41 -4.52 -2.77
N HIS A 31 8.16 -4.39 -2.35
CA HIS A 31 7.06 -5.10 -2.99
C HIS A 31 6.55 -4.33 -4.20
N GLN A 32 6.77 -3.02 -4.19
CA GLN A 32 6.33 -2.16 -5.29
C GLN A 32 7.03 -2.54 -6.60
N ALA A 33 8.13 -3.27 -6.48
CA ALA A 33 8.88 -3.70 -7.65
C ALA A 33 8.01 -4.51 -8.60
N ILE A 34 7.61 -5.69 -8.16
CA ILE A 34 6.76 -6.56 -8.98
C ILE A 34 5.51 -5.83 -9.46
N HIS A 35 5.09 -4.82 -8.69
CA HIS A 35 3.91 -4.05 -9.03
C HIS A 35 4.24 -2.97 -10.06
N THR A 36 4.39 -3.39 -11.32
CA THR A 36 4.72 -2.47 -12.39
C THR A 36 3.48 -1.70 -12.86
N GLY A 37 2.42 -2.44 -13.18
CA GLY A 37 1.19 -1.82 -13.64
C GLY A 37 0.91 -2.12 -15.10
N LYS A 38 0.49 -3.35 -15.38
CA LYS A 38 0.18 -3.75 -16.75
C LYS A 38 -1.30 -4.08 -16.90
N LYS A 39 -2.04 -3.19 -17.56
CA LYS A 39 -3.47 -3.38 -17.77
C LYS A 39 -4.18 -3.66 -16.45
N PRO A 40 -4.28 -2.62 -15.60
CA PRO A 40 -4.94 -2.73 -14.29
C PRO A 40 -6.45 -2.89 -14.43
N SER A 41 -7.02 -2.35 -15.49
CA SER A 41 -8.45 -2.43 -15.73
C SER A 41 -9.23 -1.75 -14.61
N GLY A 42 -8.71 -0.61 -14.14
CA GLY A 42 -9.37 0.12 -13.08
C GLY A 42 -10.49 0.99 -13.59
N PRO A 43 -11.05 1.83 -12.70
CA PRO A 43 -12.16 2.73 -13.04
C PRO A 43 -11.73 3.85 -13.98
N SER A 44 -12.24 3.82 -15.20
CA SER A 44 -11.90 4.83 -16.19
C SER A 44 -12.50 6.18 -15.82
N SER A 45 -11.66 7.08 -15.31
CA SER A 45 -12.12 8.40 -14.90
C SER A 45 -12.13 9.36 -16.10
N GLY A 46 -12.59 10.58 -15.86
CA GLY A 46 -12.64 11.58 -16.92
C GLY A 46 -13.02 12.95 -16.42
N GLY A 1 -20.99 11.57 -0.57
CA GLY A 1 -20.65 11.71 0.84
C GLY A 1 -21.05 10.52 1.67
N SER A 2 -20.57 9.34 1.28
CA SER A 2 -20.89 8.11 1.98
C SER A 2 -19.99 7.92 3.20
N SER A 3 -20.60 7.66 4.35
CA SER A 3 -19.86 7.47 5.58
C SER A 3 -19.06 6.17 5.54
N GLY A 4 -17.74 6.29 5.42
CA GLY A 4 -16.89 5.12 5.37
C GLY A 4 -16.23 4.82 6.70
N SER A 5 -17.02 4.87 7.77
CA SER A 5 -16.51 4.61 9.11
C SER A 5 -16.76 3.16 9.52
N SER A 6 -15.81 2.28 9.20
CA SER A 6 -15.93 0.86 9.52
C SER A 6 -14.62 0.13 9.27
N GLY A 7 -14.18 -0.64 10.26
CA GLY A 7 -12.94 -1.38 10.12
C GLY A 7 -11.75 -0.64 10.72
N THR A 8 -11.22 -1.19 11.80
CA THR A 8 -10.07 -0.58 12.47
C THR A 8 -8.95 -1.60 12.68
N GLY A 9 -7.72 -1.10 12.69
CA GLY A 9 -6.57 -1.98 12.87
C GLY A 9 -5.78 -2.19 11.60
N GLU A 10 -5.17 -1.12 11.11
CA GLU A 10 -4.38 -1.20 9.88
C GLU A 10 -3.16 -0.29 9.97
N LYS A 11 -2.17 -0.55 9.10
CA LYS A 11 -0.95 0.24 9.09
C LYS A 11 -0.95 1.21 7.91
N PRO A 12 -0.10 2.25 8.01
CA PRO A 12 0.02 3.27 6.95
C PRO A 12 0.67 2.72 5.68
N TYR A 13 1.35 1.60 5.81
CA TYR A 13 2.02 0.96 4.68
C TYR A 13 1.38 -0.39 4.35
N GLU A 14 0.26 -0.35 3.64
CA GLU A 14 -0.45 -1.57 3.26
C GLU A 14 -0.78 -1.56 1.77
N CYS A 15 -0.14 -2.45 1.02
CA CYS A 15 -0.38 -2.55 -0.42
C CYS A 15 -1.86 -2.69 -0.72
N ASN A 16 -2.32 -2.01 -1.76
CA ASN A 16 -3.73 -2.06 -2.16
C ASN A 16 -3.88 -2.68 -3.55
N GLN A 17 -2.83 -2.57 -4.36
CA GLN A 17 -2.85 -3.12 -5.71
C GLN A 17 -3.27 -4.58 -5.70
N CYS A 18 -2.66 -5.35 -4.80
CA CYS A 18 -2.98 -6.77 -4.69
C CYS A 18 -3.64 -7.07 -3.35
N GLY A 19 -3.36 -6.24 -2.34
CA GLY A 19 -3.93 -6.45 -1.03
C GLY A 19 -2.98 -7.15 -0.08
N LYS A 20 -1.85 -6.52 0.19
CA LYS A 20 -0.85 -7.10 1.09
C LYS A 20 -0.32 -6.05 2.07
N ALA A 21 -0.65 -6.22 3.34
CA ALA A 21 -0.20 -5.29 4.37
C ALA A 21 1.25 -5.52 4.72
N PHE A 22 1.90 -4.49 5.27
CA PHE A 22 3.30 -4.59 5.65
C PHE A 22 3.55 -3.93 7.00
N SER A 23 4.76 -4.08 7.52
CA SER A 23 5.11 -3.50 8.81
C SER A 23 5.94 -2.23 8.63
N VAL A 24 7.05 -2.34 7.92
CA VAL A 24 7.92 -1.20 7.67
C VAL A 24 7.76 -0.68 6.25
N ARG A 25 7.97 0.62 6.07
CA ARG A 25 7.83 1.24 4.75
C ARG A 25 8.75 0.55 3.74
N SER A 26 9.91 0.12 4.21
CA SER A 26 10.87 -0.55 3.34
C SER A 26 10.23 -1.74 2.63
N SER A 27 9.46 -2.51 3.37
CA SER A 27 8.80 -3.68 2.82
C SER A 27 7.94 -3.31 1.62
N LEU A 28 7.13 -2.27 1.78
CA LEU A 28 6.26 -1.80 0.71
C LEU A 28 7.07 -1.50 -0.55
N THR A 29 8.07 -0.64 -0.41
CA THR A 29 8.91 -0.26 -1.53
C THR A 29 9.52 -1.48 -2.20
N THR A 30 9.85 -2.49 -1.40
CA THR A 30 10.43 -3.72 -1.92
C THR A 30 9.40 -4.56 -2.66
N HIS A 31 8.13 -4.36 -2.32
CA HIS A 31 7.05 -5.10 -2.95
C HIS A 31 6.60 -4.40 -4.24
N GLN A 32 6.78 -3.08 -4.28
CA GLN A 32 6.38 -2.30 -5.44
C GLN A 32 7.11 -2.78 -6.69
N ALA A 33 8.24 -3.45 -6.50
CA ALA A 33 9.03 -3.96 -7.60
C ALA A 33 8.16 -4.79 -8.55
N ILE A 34 7.65 -5.91 -8.04
CA ILE A 34 6.81 -6.80 -8.84
C ILE A 34 5.58 -6.06 -9.37
N HIS A 35 5.22 -4.96 -8.69
CA HIS A 35 4.07 -4.17 -9.10
C HIS A 35 4.45 -3.15 -10.17
N THR A 36 3.51 -2.84 -11.04
CA THR A 36 3.74 -1.88 -12.12
C THR A 36 4.05 -0.49 -11.57
N GLY A 37 4.64 0.35 -12.40
CA GLY A 37 4.98 1.70 -11.98
C GLY A 37 4.74 2.74 -13.06
N LYS A 38 5.75 2.94 -13.90
CA LYS A 38 5.64 3.90 -14.99
C LYS A 38 5.22 5.27 -14.47
N LYS A 39 5.64 5.59 -13.25
CA LYS A 39 5.29 6.87 -12.63
C LYS A 39 6.52 7.50 -11.97
N PRO A 40 7.46 7.97 -12.80
CA PRO A 40 8.69 8.61 -12.33
C PRO A 40 8.44 9.96 -11.68
N SER A 41 9.47 10.52 -11.06
CA SER A 41 9.35 11.81 -10.40
C SER A 41 9.57 12.96 -11.38
N GLY A 42 8.61 13.87 -11.44
CA GLY A 42 8.71 15.00 -12.35
C GLY A 42 7.51 15.91 -12.28
N PRO A 43 7.38 16.81 -13.25
CA PRO A 43 6.26 17.77 -13.32
C PRO A 43 4.94 17.09 -13.65
N SER A 44 4.08 16.98 -12.65
CA SER A 44 2.77 16.35 -12.84
C SER A 44 1.65 17.32 -12.48
N SER A 45 0.46 17.08 -13.05
CA SER A 45 -0.69 17.93 -12.81
C SER A 45 -1.97 17.11 -12.74
N GLY A 46 -3.06 17.73 -12.31
CA GLY A 46 -4.33 17.04 -12.21
C GLY A 46 -4.54 16.42 -10.84
N GLY A 1 -25.80 11.09 20.00
CA GLY A 1 -26.66 10.03 20.48
C GLY A 1 -25.87 8.82 20.96
N SER A 2 -25.61 7.89 20.05
CA SER A 2 -24.86 6.69 20.37
C SER A 2 -23.42 6.78 19.87
N SER A 3 -22.48 6.86 20.81
CA SER A 3 -21.07 6.96 20.47
C SER A 3 -20.33 5.68 20.83
N GLY A 4 -20.10 4.83 19.84
CA GLY A 4 -19.40 3.57 20.08
C GLY A 4 -17.89 3.74 20.13
N SER A 5 -17.17 2.73 19.68
CA SER A 5 -15.71 2.76 19.67
C SER A 5 -15.17 2.82 18.25
N SER A 6 -13.86 2.98 18.12
CA SER A 6 -13.22 3.04 16.80
C SER A 6 -11.78 2.55 16.89
N GLY A 7 -11.46 1.55 16.07
CA GLY A 7 -10.12 1.00 16.07
C GLY A 7 -9.86 0.10 14.87
N THR A 8 -8.77 0.34 14.17
CA THR A 8 -8.41 -0.45 13.00
C THR A 8 -6.96 -0.91 13.06
N GLY A 9 -6.69 -2.10 12.52
CA GLY A 9 -5.34 -2.62 12.52
C GLY A 9 -4.70 -2.60 11.15
N GLU A 10 -4.74 -1.45 10.49
CA GLU A 10 -4.17 -1.30 9.16
C GLU A 10 -3.07 -0.25 9.15
N LYS A 11 -1.84 -0.69 8.86
CA LYS A 11 -0.71 0.22 8.82
C LYS A 11 -0.82 1.18 7.65
N PRO A 12 -0.07 2.30 7.73
CA PRO A 12 -0.06 3.33 6.68
C PRO A 12 0.60 2.85 5.40
N TYR A 13 1.38 1.78 5.51
CA TYR A 13 2.08 1.22 4.36
C TYR A 13 1.44 -0.09 3.90
N GLU A 14 0.24 0.01 3.33
CA GLU A 14 -0.48 -1.16 2.86
C GLU A 14 -0.53 -1.19 1.33
N CYS A 15 -0.59 -2.40 0.77
CA CYS A 15 -0.65 -2.56 -0.68
C CYS A 15 -2.07 -2.90 -1.12
N ASN A 16 -2.68 -1.99 -1.87
CA ASN A 16 -4.04 -2.20 -2.36
C ASN A 16 -4.02 -2.89 -3.72
N GLN A 17 -2.90 -2.75 -4.44
CA GLN A 17 -2.76 -3.37 -5.76
C GLN A 17 -3.11 -4.85 -5.71
N CYS A 18 -2.55 -5.56 -4.74
CA CYS A 18 -2.80 -6.99 -4.58
C CYS A 18 -3.48 -7.27 -3.24
N GLY A 19 -3.25 -6.40 -2.27
CA GLY A 19 -3.86 -6.57 -0.97
C GLY A 19 -2.91 -7.21 0.03
N LYS A 20 -1.71 -6.65 0.14
CA LYS A 20 -0.71 -7.16 1.05
C LYS A 20 -0.02 -6.03 1.80
N ALA A 21 -0.40 -5.85 3.07
CA ALA A 21 0.18 -4.80 3.90
C ALA A 21 1.40 -5.31 4.66
N PHE A 22 2.24 -4.38 5.10
CA PHE A 22 3.45 -4.74 5.85
C PHE A 22 3.63 -3.82 7.05
N SER A 23 4.76 -3.98 7.74
CA SER A 23 5.06 -3.16 8.91
C SER A 23 5.84 -1.92 8.52
N VAL A 24 7.11 -2.10 8.17
CA VAL A 24 7.97 -0.99 7.77
C VAL A 24 7.77 -0.65 6.29
N ARG A 25 7.89 0.64 5.97
CA ARG A 25 7.73 1.09 4.59
C ARG A 25 8.78 0.46 3.68
N SER A 26 9.92 0.12 4.25
CA SER A 26 11.00 -0.49 3.49
C SER A 26 10.54 -1.79 2.84
N SER A 27 9.84 -2.62 3.61
CA SER A 27 9.34 -3.90 3.12
C SER A 27 8.36 -3.68 1.97
N LEU A 28 7.35 -2.87 2.21
CA LEU A 28 6.34 -2.57 1.19
C LEU A 28 6.99 -2.12 -0.11
N THR A 29 7.94 -1.20 0.00
CA THR A 29 8.64 -0.68 -1.17
C THR A 29 9.24 -1.81 -1.99
N THR A 30 9.86 -2.77 -1.32
CA THR A 30 10.47 -3.91 -1.99
C THR A 30 9.43 -4.71 -2.77
N HIS A 31 8.18 -4.61 -2.34
CA HIS A 31 7.09 -5.33 -3.00
C HIS A 31 6.53 -4.53 -4.16
N GLN A 32 6.68 -3.21 -4.09
CA GLN A 32 6.19 -2.33 -5.14
C GLN A 32 6.86 -2.63 -6.48
N ALA A 33 8.03 -3.27 -6.41
CA ALA A 33 8.78 -3.62 -7.61
C ALA A 33 7.90 -4.38 -8.60
N ILE A 34 7.41 -5.55 -8.17
CA ILE A 34 6.57 -6.37 -9.02
C ILE A 34 5.34 -5.59 -9.50
N HIS A 35 4.96 -4.57 -8.73
CA HIS A 35 3.81 -3.75 -9.06
C HIS A 35 4.21 -2.60 -9.98
N THR A 36 3.23 -1.83 -10.43
CA THR A 36 3.48 -0.69 -11.32
C THR A 36 3.56 0.61 -10.54
N GLY A 37 4.22 0.56 -9.38
CA GLY A 37 4.35 1.75 -8.55
C GLY A 37 5.78 2.00 -8.13
N LYS A 38 6.66 2.22 -9.11
CA LYS A 38 8.07 2.49 -8.83
C LYS A 38 8.38 3.97 -8.98
N LYS A 39 9.34 4.44 -8.17
CA LYS A 39 9.74 5.85 -8.22
C LYS A 39 11.25 5.97 -8.33
N PRO A 40 11.79 5.67 -9.52
CA PRO A 40 13.23 5.73 -9.78
C PRO A 40 13.75 7.17 -9.81
N SER A 41 12.91 8.09 -10.29
CA SER A 41 13.28 9.50 -10.38
C SER A 41 14.56 9.67 -11.17
N GLY A 42 14.73 8.85 -12.21
CA GLY A 42 15.91 8.93 -13.04
C GLY A 42 15.59 8.96 -14.52
N PRO A 43 15.09 10.11 -15.00
CA PRO A 43 14.72 10.29 -16.40
C PRO A 43 15.95 10.32 -17.32
N SER A 44 16.19 9.20 -18.01
CA SER A 44 17.32 9.10 -18.92
C SER A 44 16.93 9.55 -20.32
N SER A 45 17.37 10.75 -20.70
CA SER A 45 17.08 11.29 -22.01
C SER A 45 18.29 12.04 -22.58
N GLY A 46 18.53 11.86 -23.87
CA GLY A 46 19.65 12.52 -24.51
C GLY A 46 19.98 11.93 -25.87
N GLY A 1 -17.46 21.51 22.81
CA GLY A 1 -16.32 20.73 23.26
C GLY A 1 -15.47 20.21 22.12
N SER A 2 -14.41 19.49 22.45
CA SER A 2 -13.50 18.95 21.45
C SER A 2 -13.04 17.55 21.84
N SER A 3 -13.16 16.61 20.90
CA SER A 3 -12.75 15.23 21.14
C SER A 3 -12.37 14.54 19.84
N GLY A 4 -11.08 14.24 19.69
CA GLY A 4 -10.60 13.58 18.49
C GLY A 4 -9.38 12.74 18.75
N SER A 5 -9.24 11.65 17.99
CA SER A 5 -8.10 10.75 18.14
C SER A 5 -6.94 11.19 17.25
N SER A 6 -5.75 10.70 17.56
CA SER A 6 -4.55 11.04 16.80
C SER A 6 -3.44 10.03 17.04
N GLY A 7 -2.61 9.82 16.02
CA GLY A 7 -1.51 8.87 16.14
C GLY A 7 -1.95 7.44 15.87
N THR A 8 -2.59 7.23 14.73
CA THR A 8 -3.07 5.90 14.36
C THR A 8 -2.14 5.27 13.33
N GLY A 9 -0.98 4.82 13.77
CA GLY A 9 -0.03 4.19 12.88
C GLY A 9 -0.13 2.68 12.88
N GLU A 10 -1.27 2.16 12.44
CA GLU A 10 -1.50 0.72 12.40
C GLU A 10 -1.11 0.15 11.05
N LYS A 11 0.19 0.19 10.75
CA LYS A 11 0.71 -0.33 9.49
C LYS A 11 0.05 0.38 8.30
N PRO A 12 0.35 1.66 8.13
CA PRO A 12 -0.21 2.48 7.04
C PRO A 12 0.35 2.06 5.68
N TYR A 13 1.47 1.35 5.69
CA TYR A 13 2.10 0.90 4.46
C TYR A 13 1.47 -0.41 3.97
N GLU A 14 0.16 -0.39 3.78
CA GLU A 14 -0.56 -1.57 3.32
C GLU A 14 -0.86 -1.48 1.82
N CYS A 15 -0.40 -2.47 1.08
CA CYS A 15 -0.61 -2.51 -0.36
C CYS A 15 -2.08 -2.74 -0.70
N ASN A 16 -2.56 -2.07 -1.74
CA ASN A 16 -3.95 -2.20 -2.15
C ASN A 16 -4.05 -2.82 -3.55
N GLN A 17 -2.98 -2.65 -4.33
CA GLN A 17 -2.94 -3.19 -5.69
C GLN A 17 -3.31 -4.66 -5.70
N CYS A 18 -2.65 -5.44 -4.83
CA CYS A 18 -2.91 -6.87 -4.74
C CYS A 18 -3.52 -7.23 -3.40
N GLY A 19 -3.25 -6.41 -2.39
CA GLY A 19 -3.79 -6.65 -1.06
C GLY A 19 -2.77 -7.29 -0.14
N LYS A 20 -1.65 -6.61 0.07
CA LYS A 20 -0.59 -7.12 0.94
C LYS A 20 -0.20 -6.08 1.99
N ALA A 21 -0.53 -6.36 3.24
CA ALA A 21 -0.21 -5.45 4.34
C ALA A 21 1.24 -5.60 4.77
N PHE A 22 1.83 -4.50 5.23
CA PHE A 22 3.22 -4.50 5.66
C PHE A 22 3.39 -3.73 6.97
N SER A 23 4.63 -3.56 7.39
CA SER A 23 4.92 -2.84 8.63
C SER A 23 5.85 -1.66 8.38
N VAL A 24 7.02 -1.95 7.83
CA VAL A 24 8.00 -0.92 7.54
C VAL A 24 7.96 -0.53 6.07
N ARG A 25 8.34 0.72 5.78
CA ARG A 25 8.34 1.21 4.40
C ARG A 25 9.13 0.27 3.49
N SER A 26 10.25 -0.24 3.98
CA SER A 26 11.08 -1.14 3.21
C SER A 26 10.27 -2.33 2.71
N SER A 27 9.28 -2.75 3.51
CA SER A 27 8.44 -3.89 3.14
C SER A 27 7.48 -3.50 2.03
N LEU A 28 7.15 -2.22 1.94
CA LEU A 28 6.25 -1.72 0.91
C LEU A 28 7.01 -1.40 -0.38
N THR A 29 8.18 -0.79 -0.23
CA THR A 29 9.00 -0.43 -1.38
C THR A 29 9.54 -1.66 -2.08
N THR A 30 9.91 -2.67 -1.30
CA THR A 30 10.44 -3.92 -1.84
C THR A 30 9.37 -4.68 -2.61
N HIS A 31 8.11 -4.44 -2.25
CA HIS A 31 6.99 -5.11 -2.90
C HIS A 31 6.54 -4.34 -4.15
N GLN A 32 6.80 -3.04 -4.14
CA GLN A 32 6.42 -2.18 -5.27
C GLN A 32 7.13 -2.62 -6.54
N ALA A 33 8.25 -3.32 -6.39
CA ALA A 33 9.01 -3.80 -7.54
C ALA A 33 8.12 -4.57 -8.51
N ILE A 34 7.61 -5.71 -8.06
CA ILE A 34 6.74 -6.53 -8.89
C ILE A 34 5.53 -5.75 -9.39
N HIS A 35 5.19 -4.69 -8.65
CA HIS A 35 4.05 -3.85 -9.01
C HIS A 35 4.46 -2.78 -10.02
N THR A 36 4.29 -3.09 -11.30
CA THR A 36 4.65 -2.17 -12.36
C THR A 36 3.51 -2.04 -13.38
N GLY A 37 3.16 -0.79 -13.70
CA GLY A 37 2.09 -0.55 -14.67
C GLY A 37 2.61 -0.48 -16.08
N LYS A 38 2.10 0.49 -16.84
CA LYS A 38 2.51 0.68 -18.23
C LYS A 38 3.67 1.66 -18.34
N LYS A 39 4.78 1.34 -17.67
CA LYS A 39 5.96 2.20 -17.69
C LYS A 39 7.23 1.37 -17.82
N PRO A 40 8.32 2.02 -18.25
CA PRO A 40 9.62 1.37 -18.41
C PRO A 40 10.25 0.98 -17.08
N SER A 41 10.93 -0.18 -17.08
CA SER A 41 11.59 -0.66 -15.85
C SER A 41 12.93 0.03 -15.65
N GLY A 42 12.90 1.18 -14.98
CA GLY A 42 14.12 1.93 -14.73
C GLY A 42 14.47 1.97 -13.25
N PRO A 43 14.98 0.86 -12.72
CA PRO A 43 15.37 0.75 -11.31
C PRO A 43 16.60 1.58 -10.99
N SER A 44 16.90 1.69 -9.70
CA SER A 44 18.06 2.46 -9.25
C SER A 44 19.36 1.76 -9.63
N SER A 45 20.47 2.48 -9.47
CA SER A 45 21.79 1.93 -9.81
C SER A 45 22.39 1.21 -8.61
N GLY A 46 23.00 0.06 -8.86
CA GLY A 46 23.61 -0.71 -7.80
C GLY A 46 24.44 -1.86 -8.32
N GLY A 1 -22.08 7.77 21.13
CA GLY A 1 -23.24 7.57 20.28
C GLY A 1 -22.87 7.14 18.88
N SER A 2 -21.69 6.56 18.73
CA SER A 2 -21.21 6.11 17.43
C SER A 2 -21.06 4.59 17.40
N SER A 3 -20.81 4.05 16.21
CA SER A 3 -20.65 2.61 16.05
C SER A 3 -19.19 2.26 15.81
N GLY A 4 -18.46 3.15 15.16
CA GLY A 4 -17.06 2.92 14.87
C GLY A 4 -16.51 3.87 13.84
N SER A 5 -15.19 4.07 13.85
CA SER A 5 -14.54 4.97 12.92
C SER A 5 -13.10 4.54 12.66
N SER A 6 -12.66 4.68 11.41
CA SER A 6 -11.30 4.30 11.03
C SER A 6 -10.68 5.36 10.12
N GLY A 7 -9.36 5.27 9.94
CA GLY A 7 -8.68 6.22 9.08
C GLY A 7 -7.21 5.86 8.88
N THR A 8 -6.36 6.38 9.76
CA THR A 8 -4.92 6.12 9.68
C THR A 8 -4.31 6.02 11.07
N GLY A 9 -3.42 5.05 11.25
CA GLY A 9 -2.77 4.85 12.53
C GLY A 9 -2.18 3.46 12.68
N GLU A 10 -2.92 2.46 12.25
CA GLU A 10 -2.46 1.08 12.34
C GLU A 10 -2.01 0.56 10.98
N LYS A 11 -0.72 0.28 10.85
CA LYS A 11 -0.16 -0.22 9.60
C LYS A 11 -0.50 0.72 8.44
N PRO A 12 0.16 1.88 8.40
CA PRO A 12 -0.06 2.88 7.35
C PRO A 12 0.48 2.43 6.00
N TYR A 13 1.39 1.46 6.03
CA TYR A 13 1.99 0.94 4.80
C TYR A 13 1.34 -0.39 4.40
N GLU A 14 0.38 -0.32 3.48
CA GLU A 14 -0.32 -1.52 3.03
C GLU A 14 -0.54 -1.47 1.52
N CYS A 15 -0.38 -2.61 0.86
CA CYS A 15 -0.56 -2.69 -0.58
C CYS A 15 -2.03 -2.93 -0.94
N ASN A 16 -2.57 -2.08 -1.80
CA ASN A 16 -3.96 -2.19 -2.22
C ASN A 16 -4.07 -2.83 -3.61
N GLN A 17 -3.01 -2.68 -4.40
CA GLN A 17 -2.99 -3.24 -5.74
C GLN A 17 -3.34 -4.72 -5.72
N CYS A 18 -2.73 -5.47 -4.80
CA CYS A 18 -2.99 -6.89 -4.67
C CYS A 18 -3.64 -7.21 -3.34
N GLY A 19 -3.38 -6.36 -2.35
CA GLY A 19 -3.95 -6.57 -1.02
C GLY A 19 -2.98 -7.24 -0.07
N LYS A 20 -1.86 -6.58 0.18
CA LYS A 20 -0.83 -7.11 1.08
C LYS A 20 -0.32 -6.03 2.03
N ALA A 21 -0.72 -6.12 3.29
CA ALA A 21 -0.29 -5.16 4.29
C ALA A 21 1.15 -5.42 4.73
N PHE A 22 1.82 -4.37 5.19
CA PHE A 22 3.20 -4.47 5.65
C PHE A 22 3.40 -3.75 6.97
N SER A 23 4.63 -3.80 7.48
CA SER A 23 4.96 -3.15 8.75
C SER A 23 5.90 -1.98 8.52
N VAL A 24 7.06 -2.26 7.95
CA VAL A 24 8.05 -1.23 7.68
C VAL A 24 7.91 -0.67 6.26
N ARG A 25 8.11 0.63 6.11
CA ARG A 25 8.00 1.28 4.82
C ARG A 25 8.98 0.68 3.82
N SER A 26 10.08 0.12 4.33
CA SER A 26 11.09 -0.50 3.48
C SER A 26 10.55 -1.75 2.81
N SER A 27 9.60 -2.40 3.47
CA SER A 27 8.99 -3.63 2.94
C SER A 27 8.10 -3.31 1.74
N LEU A 28 7.26 -2.29 1.89
CA LEU A 28 6.36 -1.88 0.82
C LEU A 28 7.11 -1.63 -0.47
N THR A 29 8.20 -0.87 -0.38
CA THR A 29 9.02 -0.56 -1.55
C THR A 29 9.51 -1.82 -2.23
N THR A 30 9.98 -2.77 -1.43
CA THR A 30 10.49 -4.04 -1.95
C THR A 30 9.40 -4.80 -2.70
N HIS A 31 8.14 -4.54 -2.34
CA HIS A 31 7.01 -5.19 -2.97
C HIS A 31 6.54 -4.42 -4.20
N GLN A 32 6.79 -3.11 -4.19
CA GLN A 32 6.39 -2.24 -5.30
C GLN A 32 7.08 -2.67 -6.59
N ALA A 33 8.22 -3.33 -6.47
CA ALA A 33 8.97 -3.80 -7.63
C ALA A 33 8.09 -4.59 -8.57
N ILE A 34 7.58 -5.73 -8.08
CA ILE A 34 6.71 -6.58 -8.88
C ILE A 34 5.51 -5.81 -9.41
N HIS A 35 5.15 -4.74 -8.70
CA HIS A 35 4.01 -3.91 -9.10
C HIS A 35 4.46 -2.78 -10.01
N THR A 36 5.09 -3.13 -11.13
CA THR A 36 5.58 -2.14 -12.08
C THR A 36 4.42 -1.33 -12.67
N GLY A 37 4.70 -0.08 -13.02
CA GLY A 37 3.68 0.77 -13.59
C GLY A 37 3.86 0.98 -15.09
N LYS A 38 3.60 2.20 -15.55
CA LYS A 38 3.74 2.53 -16.96
C LYS A 38 4.82 3.59 -17.17
N LYS A 39 5.82 3.59 -16.29
CA LYS A 39 6.92 4.56 -16.38
C LYS A 39 8.25 3.84 -16.58
N PRO A 40 9.24 4.59 -17.10
CA PRO A 40 10.58 4.05 -17.36
C PRO A 40 11.34 3.76 -16.07
N SER A 41 12.43 3.01 -16.19
CA SER A 41 13.24 2.66 -15.03
C SER A 41 14.56 2.01 -15.46
N GLY A 42 15.58 2.16 -14.64
CA GLY A 42 16.89 1.58 -14.95
C GLY A 42 16.91 0.08 -14.77
N PRO A 43 18.08 -0.53 -15.02
CA PRO A 43 18.26 -1.97 -14.89
C PRO A 43 18.21 -2.43 -13.44
N SER A 44 17.74 -3.65 -13.22
CA SER A 44 17.64 -4.21 -11.88
C SER A 44 18.24 -5.62 -11.82
N SER A 45 18.37 -6.15 -10.61
CA SER A 45 18.93 -7.48 -10.43
C SER A 45 17.87 -8.56 -10.63
N GLY A 46 17.42 -8.71 -11.87
CA GLY A 46 16.41 -9.72 -12.17
C GLY A 46 17.00 -11.09 -12.38
N GLY A 1 -17.25 9.04 11.78
CA GLY A 1 -17.82 10.14 12.57
C GLY A 1 -16.80 10.79 13.47
N SER A 2 -17.26 11.73 14.28
CA SER A 2 -16.38 12.44 15.21
C SER A 2 -16.39 11.79 16.59
N SER A 3 -17.56 11.28 16.98
CA SER A 3 -17.70 10.64 18.28
C SER A 3 -18.05 9.16 18.11
N GLY A 4 -17.03 8.31 18.11
CA GLY A 4 -17.24 6.89 17.95
C GLY A 4 -16.14 6.21 17.15
N SER A 5 -14.99 6.03 17.79
CA SER A 5 -13.85 5.41 17.13
C SER A 5 -13.87 3.90 17.35
N SER A 6 -13.53 3.15 16.30
CA SER A 6 -13.50 1.70 16.37
C SER A 6 -12.10 1.18 16.64
N GLY A 7 -11.74 1.09 17.92
CA GLY A 7 -10.41 0.62 18.28
C GLY A 7 -9.31 1.47 17.69
N THR A 8 -8.08 0.97 17.75
CA THR A 8 -6.93 1.69 17.22
C THR A 8 -6.10 0.80 16.30
N GLY A 9 -5.77 1.33 15.13
CA GLY A 9 -4.98 0.57 14.18
C GLY A 9 -4.27 1.45 13.17
N GLU A 10 -2.95 1.41 13.17
CA GLU A 10 -2.15 2.22 12.25
C GLU A 10 -1.41 1.33 11.25
N LYS A 11 -1.44 1.73 9.98
CA LYS A 11 -0.77 0.97 8.93
C LYS A 11 -0.86 1.72 7.59
N PRO A 12 -0.10 2.82 7.47
CA PRO A 12 -0.07 3.62 6.26
C PRO A 12 0.61 2.91 5.10
N TYR A 13 1.36 1.86 5.41
CA TYR A 13 2.07 1.09 4.40
C TYR A 13 1.28 -0.16 4.01
N GLU A 14 0.51 -0.06 2.93
CA GLU A 14 -0.29 -1.18 2.47
C GLU A 14 -0.33 -1.22 0.94
N CYS A 15 -0.59 -2.41 0.39
CA CYS A 15 -0.64 -2.58 -1.06
C CYS A 15 -2.09 -2.74 -1.52
N ASN A 16 -2.41 -2.12 -2.66
CA ASN A 16 -3.76 -2.20 -3.22
C ASN A 16 -3.78 -3.05 -4.47
N GLN A 17 -2.64 -3.13 -5.15
CA GLN A 17 -2.54 -3.91 -6.37
C GLN A 17 -3.03 -5.34 -6.16
N CYS A 18 -2.49 -6.01 -5.14
CA CYS A 18 -2.89 -7.37 -4.83
C CYS A 18 -3.50 -7.46 -3.43
N GLY A 19 -3.07 -6.56 -2.55
CA GLY A 19 -3.59 -6.55 -1.20
C GLY A 19 -2.62 -7.17 -0.20
N LYS A 20 -1.74 -6.35 0.35
CA LYS A 20 -0.76 -6.83 1.33
C LYS A 20 -0.19 -5.67 2.14
N ALA A 21 -0.32 -5.76 3.46
CA ALA A 21 0.19 -4.71 4.35
C ALA A 21 1.44 -5.18 5.08
N PHE A 22 2.28 -4.22 5.46
CA PHE A 22 3.51 -4.54 6.18
C PHE A 22 3.76 -3.54 7.31
N SER A 23 4.72 -3.85 8.16
CA SER A 23 5.04 -3.00 9.30
C SER A 23 6.01 -1.90 8.89
N VAL A 24 7.15 -2.29 8.33
CA VAL A 24 8.17 -1.34 7.90
C VAL A 24 7.92 -0.91 6.45
N ARG A 25 8.24 0.35 6.15
CA ARG A 25 8.06 0.88 4.81
C ARG A 25 9.07 0.27 3.83
N SER A 26 10.25 -0.05 4.34
CA SER A 26 11.31 -0.65 3.51
C SER A 26 10.82 -1.93 2.86
N SER A 27 9.88 -2.61 3.53
CA SER A 27 9.35 -3.87 3.02
C SER A 27 8.32 -3.61 1.92
N LEU A 28 7.38 -2.71 2.21
CA LEU A 28 6.34 -2.36 1.24
C LEU A 28 6.95 -1.81 -0.05
N THR A 29 8.13 -1.20 0.07
CA THR A 29 8.81 -0.63 -1.07
C THR A 29 9.33 -1.71 -2.00
N THR A 30 9.87 -2.78 -1.42
CA THR A 30 10.40 -3.89 -2.19
C THR A 30 9.29 -4.68 -2.88
N HIS A 31 8.09 -4.58 -2.32
CA HIS A 31 6.93 -5.28 -2.88
C HIS A 31 6.25 -4.45 -3.96
N GLN A 32 6.52 -3.14 -3.94
CA GLN A 32 5.94 -2.23 -4.93
C GLN A 32 6.61 -2.40 -6.29
N ALA A 33 7.68 -3.20 -6.33
CA ALA A 33 8.41 -3.44 -7.56
C ALA A 33 7.56 -4.22 -8.55
N ILE A 34 7.05 -5.37 -8.12
CA ILE A 34 6.22 -6.21 -8.97
C ILE A 34 5.02 -5.44 -9.50
N HIS A 35 4.52 -4.50 -8.70
CA HIS A 35 3.38 -3.69 -9.08
C HIS A 35 3.17 -2.53 -8.10
N THR A 36 2.40 -1.54 -8.52
CA THR A 36 2.12 -0.37 -7.69
C THR A 36 0.78 0.25 -8.03
N GLY A 37 0.05 0.67 -7.00
CA GLY A 37 -1.25 1.28 -7.22
C GLY A 37 -1.41 2.59 -6.47
N LYS A 38 -2.30 3.45 -6.95
CA LYS A 38 -2.55 4.74 -6.33
C LYS A 38 -3.99 4.83 -5.83
N LYS A 39 -4.58 3.68 -5.54
CA LYS A 39 -5.96 3.63 -5.05
C LYS A 39 -6.91 4.31 -6.03
N PRO A 40 -7.18 3.64 -7.17
CA PRO A 40 -8.07 4.15 -8.20
C PRO A 40 -9.53 4.17 -7.75
N SER A 41 -10.32 5.03 -8.39
CA SER A 41 -11.74 5.15 -8.05
C SER A 41 -11.91 5.51 -6.58
N GLY A 42 -10.92 6.17 -6.01
CA GLY A 42 -10.99 6.57 -4.62
C GLY A 42 -11.34 8.03 -4.45
N PRO A 43 -10.36 8.91 -4.70
CA PRO A 43 -10.56 10.37 -4.59
C PRO A 43 -11.47 10.92 -5.67
N SER A 44 -11.45 10.29 -6.83
CA SER A 44 -12.28 10.72 -7.95
C SER A 44 -11.89 12.12 -8.41
N SER A 45 -10.63 12.47 -8.19
CA SER A 45 -10.12 13.78 -8.57
C SER A 45 -8.94 13.65 -9.53
N GLY A 46 -8.60 14.75 -10.19
CA GLY A 46 -7.50 14.75 -11.13
C GLY A 46 -6.14 14.75 -10.44
N GLY A 1 -27.04 -0.14 18.01
CA GLY A 1 -25.64 0.14 18.25
C GLY A 1 -24.72 -0.93 17.70
N SER A 2 -23.76 -0.52 16.87
CA SER A 2 -22.82 -1.45 16.28
C SER A 2 -21.49 -0.77 15.98
N SER A 3 -20.40 -1.48 16.23
CA SER A 3 -19.06 -0.94 16.00
C SER A 3 -18.00 -2.02 16.18
N GLY A 4 -16.78 -1.73 15.73
CA GLY A 4 -15.69 -2.69 15.84
C GLY A 4 -15.63 -3.64 14.67
N SER A 5 -14.60 -3.49 13.85
CA SER A 5 -14.44 -4.34 12.67
C SER A 5 -13.25 -5.30 12.86
N SER A 6 -13.36 -6.47 12.25
CA SER A 6 -12.30 -7.48 12.36
C SER A 6 -11.24 -7.26 11.27
N GLY A 7 -10.11 -6.69 11.66
CA GLY A 7 -9.05 -6.44 10.72
C GLY A 7 -7.77 -5.99 11.40
N THR A 8 -6.94 -6.96 11.81
CA THR A 8 -5.69 -6.67 12.47
C THR A 8 -4.60 -6.31 11.46
N GLY A 9 -3.71 -5.41 11.86
CA GLY A 9 -2.63 -4.99 10.97
C GLY A 9 -3.00 -3.79 10.13
N GLU A 10 -3.70 -2.83 10.74
CA GLU A 10 -4.11 -1.63 10.04
C GLU A 10 -2.99 -0.59 10.03
N LYS A 11 -1.98 -0.83 9.20
CA LYS A 11 -0.85 0.09 9.09
C LYS A 11 -1.00 0.99 7.87
N PRO A 12 -0.28 2.13 7.89
CA PRO A 12 -0.31 3.10 6.80
C PRO A 12 0.36 2.59 5.54
N TYR A 13 1.21 1.57 5.70
CA TYR A 13 1.92 0.99 4.58
C TYR A 13 1.31 -0.36 4.17
N GLU A 14 0.18 -0.30 3.48
CA GLU A 14 -0.50 -1.51 3.04
C GLU A 14 -0.76 -1.47 1.52
N CYS A 15 -0.37 -2.54 0.84
CA CYS A 15 -0.54 -2.63 -0.60
C CYS A 15 -2.00 -2.90 -0.95
N ASN A 16 -2.62 -1.97 -1.68
CA ASN A 16 -4.01 -2.11 -2.08
C ASN A 16 -4.12 -2.74 -3.46
N GLN A 17 -3.08 -2.58 -4.27
CA GLN A 17 -3.05 -3.14 -5.61
C GLN A 17 -3.39 -4.63 -5.59
N CYS A 18 -2.76 -5.36 -4.66
CA CYS A 18 -2.98 -6.78 -4.53
C CYS A 18 -3.63 -7.12 -3.19
N GLY A 19 -3.39 -6.26 -2.20
CA GLY A 19 -3.95 -6.48 -0.88
C GLY A 19 -2.96 -7.13 0.07
N LYS A 20 -1.76 -6.56 0.16
CA LYS A 20 -0.73 -7.10 1.04
C LYS A 20 -0.22 -6.01 2.00
N ALA A 21 -0.56 -6.18 3.28
CA ALA A 21 -0.13 -5.23 4.29
C ALA A 21 1.33 -5.45 4.67
N PHE A 22 1.94 -4.42 5.27
CA PHE A 22 3.34 -4.51 5.69
C PHE A 22 3.54 -3.83 7.05
N SER A 23 4.70 -4.08 7.65
CA SER A 23 5.02 -3.49 8.94
C SER A 23 5.89 -2.25 8.79
N VAL A 24 6.87 -2.34 7.90
CA VAL A 24 7.77 -1.21 7.66
C VAL A 24 7.65 -0.71 6.23
N ARG A 25 7.80 0.60 6.04
CA ARG A 25 7.70 1.20 4.73
C ARG A 25 8.72 0.58 3.77
N SER A 26 9.89 0.24 4.30
CA SER A 26 10.95 -0.36 3.49
C SER A 26 10.46 -1.65 2.83
N SER A 27 9.49 -2.30 3.46
CA SER A 27 8.94 -3.55 2.93
C SER A 27 7.96 -3.27 1.79
N LEU A 28 7.35 -2.09 1.83
CA LEU A 28 6.39 -1.70 0.79
C LEU A 28 7.11 -1.40 -0.52
N THR A 29 8.36 -0.98 -0.43
CA THR A 29 9.16 -0.66 -1.60
C THR A 29 9.64 -1.92 -2.31
N THR A 30 10.17 -2.86 -1.53
CA THR A 30 10.68 -4.12 -2.07
C THR A 30 9.57 -4.88 -2.79
N HIS A 31 8.32 -4.63 -2.41
CA HIS A 31 7.18 -5.28 -3.01
C HIS A 31 6.67 -4.49 -4.22
N GLN A 32 6.93 -3.20 -4.22
CA GLN A 32 6.50 -2.33 -5.31
C GLN A 32 7.15 -2.74 -6.62
N ALA A 33 8.30 -3.40 -6.52
CA ALA A 33 9.03 -3.85 -7.69
C ALA A 33 8.12 -4.64 -8.64
N ILE A 34 7.60 -5.77 -8.15
CA ILE A 34 6.72 -6.61 -8.94
C ILE A 34 5.51 -5.82 -9.45
N HIS A 35 5.18 -4.75 -8.73
CA HIS A 35 4.04 -3.91 -9.11
C HIS A 35 4.50 -2.78 -10.05
N THR A 36 3.53 -2.18 -10.74
CA THR A 36 3.83 -1.09 -11.66
C THR A 36 2.97 0.14 -11.35
N GLY A 37 3.26 1.23 -12.05
CA GLY A 37 2.51 2.46 -11.84
C GLY A 37 3.41 3.67 -11.67
N LYS A 38 4.49 3.70 -12.44
CA LYS A 38 5.44 4.81 -12.38
C LYS A 38 4.96 5.98 -13.23
N LYS A 39 5.45 7.18 -12.91
CA LYS A 39 5.06 8.38 -13.64
C LYS A 39 6.30 9.06 -14.24
N PRO A 40 6.06 9.91 -15.25
CA PRO A 40 7.14 10.65 -15.92
C PRO A 40 7.77 11.71 -15.03
N SER A 41 9.09 11.82 -15.08
CA SER A 41 9.81 12.80 -14.27
C SER A 41 9.53 12.59 -12.78
N GLY A 42 9.23 11.34 -12.41
CA GLY A 42 8.95 11.03 -11.03
C GLY A 42 10.09 10.29 -10.35
N PRO A 43 10.01 10.16 -9.02
CA PRO A 43 11.04 9.48 -8.23
C PRO A 43 11.05 7.97 -8.48
N SER A 44 12.15 7.47 -9.03
CA SER A 44 12.28 6.05 -9.32
C SER A 44 12.91 5.32 -8.13
N SER A 45 14.10 5.76 -7.73
CA SER A 45 14.81 5.15 -6.62
C SER A 45 14.94 3.64 -6.82
N GLY A 46 15.45 3.24 -7.99
CA GLY A 46 15.61 1.84 -8.29
C GLY A 46 14.34 1.21 -8.82
#